data_8K10
#
_entry.id   8K10
#
_cell.length_a   1.00
_cell.length_b   1.00
_cell.length_c   1.00
_cell.angle_alpha   90.00
_cell.angle_beta   90.00
_cell.angle_gamma   90.00
#
_symmetry.space_group_name_H-M   'P 1'
#
loop_
_entity.id
_entity.type
_entity.pdbx_description
1 polymer 'SID1 transmembrane family member 2'
2 branched 2-acetamido-2-deoxy-beta-D-glucopyranose-(1-4)-2-acetamido-2-deoxy-beta-D-glucopyranose
3 non-polymer 2-acetamido-2-deoxy-beta-D-glucopyranose
#
_entity_poly.entity_id   1
_entity_poly.type   'polypeptide(L)'
_entity_poly.pdbx_seq_one_letter_code
;MKANLLVLLCALAAADAHLGVLGPKNVSQKDAEFERTYVDEVNSELVNIYTFNHTVTRNRTEGVRVSVNVLNKQKGAPLL
FVVRQKEAVVSFQVPLILRGMFQRKYLYQKVERTLCQPPTKNESEIQFFYVDVSTLSPVNTTYQLRVSRMDDFVLRTGEQ
FSFNTTAAQPQYFKYEFPEGVDSVIVKVTSNKAFPCSVISIQDVLCPVYDLDNNVAFIGMYQTMTKKAAITVQRKDFPSN
SFYVVVVVKTEDQACGGSLPFYPFAEDEPVDQGHRQKTLSVLVSQAVTSEAYVSGMLFCLGIFLSFYLLTVLLACWENWR
QKKKTLLVAIDRACPESGHPRVLADSFPGSSPYEGYNYGSFENVSGSTDGLVDSAGTGDLSYGYQGRSFEPVGTRPRVDS
MSSVEEDDYDTLTDIDSDKNVIRTKQYLYVADLARKDKRVLRKKYQIYFWNIATIAVFYALPVVQLVITYQTVVNVTGNQ
DICYYNFLCAHPLGNLSAFNNILSNLGYILLGLLFLLIILQREINHNRALLRNDLCALECGIPKHFGLFYAMGTALMMEG
LLSACYHVCPNYTNFQFDTSFMYMIAGLCMLKLYQKRHPDINASAYSAYACLAIVIFFSVLGVVFGKGNTAFWIVFSIIH
IIATLLLSTQLYYMGRWKLDSGIFRRILHVLYTDCIRQCSGPLYVDRMVLLVMGNVINWSLAAYGLIMRPNDFASYLLAI
GICNLLLYFAFYIIMKLRSGERIKLIPLLCIVCTSVVWGFALFFFFQGLSTWQKTPAESREHNRDCILLDFFDDHDIWHF
LSSIAMFGSFLVLLTLDDDLDTVQRDKIYVFDYKDHDGDYKDHDIDYKDDDDK
;
_entity_poly.pdbx_strand_id   A,B
#
# COMPACT_ATOMS: atom_id res chain seq x y z
N PRO A 24 -15.25 53.71 3.27
CA PRO A 24 -14.90 52.32 2.93
C PRO A 24 -13.75 51.79 3.76
N LYS A 25 -13.00 50.84 3.22
CA LYS A 25 -11.82 50.32 3.89
C LYS A 25 -10.62 51.22 3.64
N ASN A 26 -9.80 51.41 4.67
CA ASN A 26 -8.60 52.22 4.55
C ASN A 26 -7.45 51.33 4.09
N VAL A 27 -6.83 51.67 2.98
CA VAL A 27 -5.69 50.94 2.43
C VAL A 27 -4.46 51.84 2.49
N SER A 28 -3.42 51.36 3.14
CA SER A 28 -2.13 52.05 3.21
C SER A 28 -1.09 51.26 2.43
N GLN A 29 -0.15 51.98 1.81
CA GLN A 29 0.83 51.38 0.94
C GLN A 29 2.22 51.86 1.31
N LYS A 30 3.22 51.01 1.05
CA LYS A 30 4.61 51.35 1.34
C LYS A 30 5.51 50.51 0.44
N ASP A 31 6.57 51.14 -0.08
CA ASP A 31 7.56 50.45 -0.89
C ASP A 31 8.75 50.10 0.00
N ALA A 32 8.58 49.06 0.80
CA ALA A 32 9.58 48.69 1.79
C ALA A 32 10.72 47.91 1.13
N GLU A 33 11.65 47.44 1.95
CA GLU A 33 12.88 46.83 1.49
C GLU A 33 13.17 45.52 2.22
N PHE A 34 14.19 44.82 1.74
CA PHE A 34 14.59 43.54 2.32
C PHE A 34 15.31 43.74 3.65
N GLU A 35 15.36 42.66 4.43
CA GLU A 35 16.10 42.59 5.69
C GLU A 35 15.72 43.73 6.63
N ARG A 36 14.44 43.76 7.01
CA ARG A 36 13.93 44.77 7.92
C ARG A 36 12.62 44.28 8.50
N THR A 37 12.55 44.20 9.83
CA THR A 37 11.33 43.79 10.51
C THR A 37 10.46 45.01 10.74
N TYR A 38 9.26 45.01 10.16
CA TYR A 38 8.29 46.08 10.35
C TYR A 38 7.26 45.62 11.36
N VAL A 39 7.01 46.44 12.37
CA VAL A 39 5.99 46.20 13.38
C VAL A 39 4.84 47.15 13.08
N ASP A 40 3.65 46.60 12.84
CA ASP A 40 2.50 47.40 12.45
C ASP A 40 1.23 46.84 13.05
N GLU A 41 0.22 47.69 13.13
CA GLU A 41 -1.09 47.36 13.68
C GLU A 41 -2.13 47.23 12.57
N VAL A 42 -3.02 46.26 12.72
CA VAL A 42 -4.08 46.01 11.76
C VAL A 42 -5.35 45.70 12.54
N ASN A 43 -6.48 46.21 12.03
CA ASN A 43 -7.80 45.90 12.58
C ASN A 43 -8.74 45.67 11.41
N SER A 44 -10.04 45.61 11.68
CA SER A 44 -11.03 45.36 10.63
C SER A 44 -11.11 46.48 9.61
N GLU A 45 -10.35 47.56 9.78
CA GLU A 45 -10.44 48.74 8.93
C GLU A 45 -9.20 48.95 8.06
N LEU A 46 -8.06 48.41 8.47
CA LEU A 46 -6.78 48.70 7.82
C LEU A 46 -6.33 47.54 6.94
N VAL A 47 -5.89 47.88 5.72
CA VAL A 47 -5.28 46.93 4.79
C VAL A 47 -3.93 47.49 4.36
N ASN A 48 -2.87 46.74 4.63
CA ASN A 48 -1.51 47.20 4.40
C ASN A 48 -0.90 46.52 3.18
N ILE A 49 -0.24 47.31 2.34
CA ILE A 49 0.39 46.83 1.12
C ILE A 49 1.87 47.17 1.18
N TYR A 50 2.73 46.19 0.95
CA TYR A 50 4.17 46.38 0.90
C TYR A 50 4.68 45.89 -0.45
N THR A 51 5.31 46.78 -1.21
CA THR A 51 5.87 46.45 -2.51
C THR A 51 7.35 46.14 -2.34
N PHE A 52 7.81 45.07 -2.97
CA PHE A 52 9.21 44.66 -2.88
C PHE A 52 9.78 44.42 -4.26
N ASN A 53 10.93 45.04 -4.53
CA ASN A 53 11.69 44.81 -5.76
C ASN A 53 12.78 43.80 -5.51
N HIS A 54 13.05 42.98 -6.53
CA HIS A 54 13.99 41.87 -6.37
C HIS A 54 14.76 41.73 -7.67
N THR A 55 16.06 41.46 -7.56
CA THR A 55 16.93 41.35 -8.72
C THR A 55 17.43 39.93 -8.85
N VAL A 56 17.28 39.35 -10.05
CA VAL A 56 17.64 37.96 -10.30
C VAL A 56 18.44 37.88 -11.58
N THR A 57 19.22 36.81 -11.70
CA THR A 57 19.98 36.50 -12.90
C THR A 57 19.82 35.02 -13.23
N ARG A 58 20.01 34.68 -14.51
CA ARG A 58 19.86 33.29 -14.93
C ARG A 58 20.91 32.40 -14.29
N ASN A 59 22.15 32.87 -14.20
CA ASN A 59 23.22 32.03 -13.67
C ASN A 59 23.12 31.88 -12.16
N ARG A 60 22.78 32.95 -11.45
CA ARG A 60 22.70 32.96 -9.99
C ARG A 60 21.24 33.18 -9.62
N THR A 61 20.59 32.13 -9.12
CA THR A 61 19.23 32.20 -8.61
C THR A 61 19.25 32.11 -7.09
N GLU A 62 18.52 33.00 -6.44
CA GLU A 62 18.49 33.06 -4.98
C GLU A 62 17.05 33.24 -4.51
N GLY A 63 16.71 32.54 -3.42
CA GLY A 63 15.34 32.54 -2.94
C GLY A 63 15.02 33.73 -2.06
N VAL A 64 13.72 33.94 -1.87
CA VAL A 64 13.20 35.03 -1.05
C VAL A 64 12.28 34.41 -0.01
N ARG A 65 12.45 34.83 1.24
CA ARG A 65 11.69 34.27 2.36
C ARG A 65 10.90 35.36 3.04
N VAL A 66 9.63 35.08 3.34
CA VAL A 66 8.76 35.99 4.07
C VAL A 66 8.54 35.40 5.46
N SER A 67 8.84 36.19 6.49
CA SER A 67 8.77 35.74 7.87
C SER A 67 7.91 36.71 8.66
N VAL A 68 6.90 36.20 9.36
CA VAL A 68 6.00 37.06 10.10
C VAL A 68 5.69 36.45 11.47
N ASN A 69 5.64 37.33 12.46
CA ASN A 69 5.28 37.01 13.83
C ASN A 69 4.09 37.85 14.24
N VAL A 70 3.24 37.27 15.08
CA VAL A 70 2.12 37.98 15.71
C VAL A 70 2.34 37.95 17.22
N LEU A 71 2.23 39.12 17.85
CA LEU A 71 2.52 39.27 19.26
C LEU A 71 1.25 39.43 20.11
N ASN A 72 0.09 39.19 19.54
CA ASN A 72 -1.19 39.30 20.25
C ASN A 72 -1.92 37.97 20.14
N LYS A 73 -2.65 37.62 21.20
CA LYS A 73 -3.37 36.35 21.25
C LYS A 73 -4.83 36.57 20.89
N GLN A 74 -5.22 36.07 19.70
CA GLN A 74 -6.60 36.10 19.25
C GLN A 74 -7.02 34.70 18.83
N LYS A 75 -8.17 34.25 19.35
CA LYS A 75 -8.70 32.95 18.99
C LYS A 75 -9.80 33.00 17.94
N GLY A 76 -10.57 34.09 17.89
CA GLY A 76 -11.63 34.21 16.92
C GLY A 76 -11.18 34.63 15.53
N ALA A 77 -10.64 35.84 15.41
CA ALA A 77 -10.30 36.42 14.12
C ALA A 77 -8.79 36.55 13.96
N PRO A 78 -8.16 35.76 13.12
CA PRO A 78 -6.72 35.90 12.88
C PRO A 78 -6.42 36.94 11.80
N LEU A 79 -5.12 37.23 11.65
CA LEU A 79 -4.63 38.07 10.58
C LEU A 79 -4.48 37.25 9.30
N LEU A 80 -4.87 37.85 8.17
CA LEU A 80 -4.78 37.22 6.87
C LEU A 80 -3.67 37.88 6.07
N PHE A 81 -2.71 37.08 5.62
CA PHE A 81 -1.55 37.54 4.87
C PHE A 81 -1.58 36.94 3.48
N VAL A 82 -1.31 37.76 2.47
CA VAL A 82 -1.24 37.30 1.09
C VAL A 82 0.05 37.82 0.46
N VAL A 83 0.73 36.96 -0.29
CA VAL A 83 1.92 37.33 -1.05
C VAL A 83 1.62 37.10 -2.53
N ARG A 84 1.68 38.16 -3.32
CA ARG A 84 1.31 38.16 -4.72
C ARG A 84 2.55 38.32 -5.56
N GLN A 85 2.70 37.46 -6.56
CA GLN A 85 3.80 37.50 -7.50
C GLN A 85 3.25 37.77 -8.90
N LYS A 86 4.14 37.70 -9.90
CA LYS A 86 3.70 37.84 -11.27
C LYS A 86 2.90 36.63 -11.74
N GLU A 87 3.23 35.44 -11.25
CA GLU A 87 2.62 34.21 -11.73
C GLU A 87 1.77 33.51 -10.70
N ALA A 88 2.19 33.48 -9.44
CA ALA A 88 1.50 32.73 -8.41
C ALA A 88 1.12 33.63 -7.25
N VAL A 89 0.15 33.17 -6.45
CA VAL A 89 -0.28 33.83 -5.23
C VAL A 89 -0.23 32.82 -4.10
N VAL A 90 0.14 33.28 -2.91
CA VAL A 90 0.09 32.44 -1.72
C VAL A 90 -0.63 33.22 -0.61
N SER A 91 -1.26 32.49 0.30
CA SER A 91 -2.02 33.12 1.36
C SER A 91 -2.05 32.23 2.58
N PHE A 92 -2.09 32.85 3.75
CA PHE A 92 -2.29 32.10 4.99
C PHE A 92 -2.89 33.02 6.04
N GLN A 93 -3.18 32.43 7.19
CA GLN A 93 -3.70 33.16 8.34
C GLN A 93 -2.85 32.82 9.57
N VAL A 94 -2.60 33.83 10.39
CA VAL A 94 -1.84 33.64 11.64
C VAL A 94 -2.60 34.28 12.79
N PRO A 95 -2.65 33.65 13.98
CA PRO A 95 -1.97 32.41 14.39
C PRO A 95 -2.43 31.18 13.65
N LEU A 96 -1.51 30.57 12.90
CA LEU A 96 -1.84 29.42 12.08
C LEU A 96 -2.30 28.25 12.94
N ILE A 97 -3.35 27.57 12.48
CA ILE A 97 -3.92 26.44 13.19
C ILE A 97 -3.69 25.19 12.35
N LEU A 98 -2.96 24.23 12.90
CA LEU A 98 -2.70 22.98 12.23
C LEU A 98 -3.51 21.86 12.90
N ARG A 99 -3.67 20.76 12.18
CA ARG A 99 -4.55 19.67 12.58
C ARG A 99 -3.73 18.45 12.99
N GLY A 100 -4.17 17.80 14.07
CA GLY A 100 -3.49 16.63 14.56
C GLY A 100 -4.07 15.33 14.04
N MET A 101 -4.44 14.43 14.96
CA MET A 101 -5.03 13.15 14.57
C MET A 101 -6.49 13.05 15.02
N PHE A 102 -6.79 13.24 16.30
CA PHE A 102 -8.15 13.15 16.81
C PHE A 102 -8.71 14.57 16.98
N GLN A 103 -9.05 15.17 15.84
CA GLN A 103 -9.55 16.55 15.75
C GLN A 103 -8.82 17.48 16.72
N ARG A 104 -7.50 17.38 16.71
CA ARG A 104 -6.61 18.24 17.49
C ARG A 104 -6.35 19.53 16.74
N LYS A 105 -6.11 20.60 17.50
CA LYS A 105 -5.79 21.91 16.92
C LYS A 105 -4.55 22.46 17.61
N TYR A 106 -3.49 22.66 16.85
CA TYR A 106 -2.25 23.24 17.35
C TYR A 106 -2.12 24.67 16.83
N LEU A 107 -1.68 25.57 17.70
CA LEU A 107 -1.61 26.99 17.39
C LEU A 107 -0.15 27.42 17.26
N TYR A 108 0.17 28.13 16.18
CA TYR A 108 1.50 28.65 15.93
C TYR A 108 1.41 30.14 15.67
N GLN A 109 2.39 30.89 16.17
CA GLN A 109 2.38 32.34 16.02
C GLN A 109 3.37 32.85 14.99
N LYS A 110 4.43 32.11 14.72
CA LYS A 110 5.45 32.49 13.74
C LYS A 110 5.26 31.64 12.49
N VAL A 111 5.23 32.29 11.33
CA VAL A 111 5.18 31.55 10.07
C VAL A 111 6.18 32.14 9.10
N GLU A 112 6.93 31.27 8.43
CA GLU A 112 7.94 31.67 7.46
C GLU A 112 7.77 30.78 6.23
N ARG A 113 7.73 31.40 5.06
CA ARG A 113 7.57 30.62 3.83
C ARG A 113 8.46 31.20 2.75
N THR A 114 8.96 30.33 1.88
CA THR A 114 9.82 30.72 0.77
C THR A 114 9.03 30.70 -0.52
N LEU A 115 9.01 31.84 -1.22
CA LEU A 115 8.27 31.96 -2.46
C LEU A 115 8.93 31.14 -3.57
N CYS A 116 8.11 30.67 -4.50
CA CYS A 116 8.62 29.94 -5.67
C CYS A 116 8.79 30.95 -6.80
N GLN A 117 9.98 30.96 -7.41
CA GLN A 117 10.30 31.87 -8.48
C GLN A 117 10.55 31.09 -9.76
N PRO A 118 9.70 31.22 -10.78
CA PRO A 118 9.94 30.48 -12.02
C PRO A 118 11.22 30.95 -12.68
N PRO A 119 11.90 30.09 -13.42
CA PRO A 119 13.15 30.50 -14.07
C PRO A 119 12.92 31.65 -15.05
N THR A 120 13.85 32.59 -15.06
CA THR A 120 13.72 33.79 -15.87
C THR A 120 14.29 33.56 -17.26
N LYS A 121 13.75 34.31 -18.23
CA LYS A 121 14.17 34.17 -19.62
C LYS A 121 15.30 35.13 -19.96
N ASN A 122 15.08 36.42 -19.73
CA ASN A 122 16.11 37.42 -19.98
C ASN A 122 17.27 37.25 -19.01
N GLU A 123 18.42 37.81 -19.39
CA GLU A 123 19.62 37.66 -18.57
C GLU A 123 19.43 38.32 -17.20
N SER A 124 18.83 39.50 -17.16
CA SER A 124 18.60 40.22 -15.90
C SER A 124 17.23 40.87 -15.97
N GLU A 125 16.29 40.37 -15.17
CA GLU A 125 14.94 40.92 -15.10
C GLU A 125 14.61 41.21 -13.65
N ILE A 126 14.10 42.41 -13.39
CA ILE A 126 13.69 42.81 -12.05
C ILE A 126 12.28 42.29 -11.79
N GLN A 127 12.12 41.54 -10.70
CA GLN A 127 10.85 40.94 -10.33
C GLN A 127 10.23 41.70 -9.17
N PHE A 128 8.95 42.04 -9.30
CA PHE A 128 8.21 42.70 -8.24
C PHE A 128 7.35 41.68 -7.51
N PHE A 129 7.15 41.89 -6.22
CA PHE A 129 6.15 41.10 -5.50
C PHE A 129 5.59 41.91 -4.35
N TYR A 130 4.31 41.68 -4.06
CA TYR A 130 3.56 42.46 -3.10
C TYR A 130 3.18 41.58 -1.92
N VAL A 131 3.12 42.18 -0.73
CA VAL A 131 2.66 41.50 0.47
C VAL A 131 1.56 42.36 1.09
N ASP A 132 0.38 41.78 1.23
CA ASP A 132 -0.77 42.50 1.75
C ASP A 132 -1.25 41.84 3.04
N VAL A 133 -1.65 42.70 3.98
CA VAL A 133 -2.10 42.30 5.31
C VAL A 133 -3.50 42.83 5.53
N SER A 134 -4.38 41.99 6.06
CA SER A 134 -5.75 42.40 6.36
C SER A 134 -6.25 41.59 7.54
N THR A 135 -7.36 42.04 8.12
CA THR A 135 -8.06 41.27 9.15
C THR A 135 -9.44 41.87 9.32
N LEU A 136 -10.32 41.13 10.01
CA LEU A 136 -11.71 41.59 10.23
C LEU A 136 -12.00 41.67 11.74
N SER A 137 -10.98 41.48 12.58
CA SER A 137 -11.20 41.60 14.02
C SER A 137 -11.52 43.04 14.40
N PRO A 138 -12.41 43.27 15.37
CA PRO A 138 -12.75 44.65 15.76
C PRO A 138 -11.67 45.33 16.59
N VAL A 139 -10.64 44.62 17.03
CA VAL A 139 -9.62 45.19 17.90
C VAL A 139 -8.27 45.08 17.21
N ASN A 140 -7.38 46.02 17.54
CA ASN A 140 -6.06 46.10 16.94
C ASN A 140 -5.29 44.80 17.11
N THR A 141 -4.28 44.60 16.27
CA THR A 141 -3.39 43.45 16.38
C THR A 141 -2.05 43.82 15.76
N THR A 142 -0.97 43.51 16.48
CA THR A 142 0.38 43.91 16.09
C THR A 142 1.12 42.72 15.49
N TYR A 143 1.78 42.97 14.35
CA TYR A 143 2.54 41.95 13.65
C TYR A 143 3.86 42.52 13.17
N GLN A 144 4.88 41.66 13.11
CA GLN A 144 6.19 42.04 12.58
C GLN A 144 6.50 41.16 11.38
N LEU A 145 6.87 41.81 10.27
CA LEU A 145 7.06 41.14 8.99
C LEU A 145 8.43 41.51 8.41
N ARG A 146 9.11 40.53 7.81
CA ARG A 146 10.42 40.78 7.24
C ARG A 146 10.65 39.87 6.04
N VAL A 147 11.19 40.44 4.97
CA VAL A 147 11.56 39.69 3.77
C VAL A 147 13.08 39.57 3.74
N SER A 148 13.57 38.34 3.64
CA SER A 148 14.99 38.04 3.65
C SER A 148 15.40 37.43 2.31
N ARG A 149 16.47 37.97 1.73
CA ARG A 149 17.06 37.39 0.53
C ARG A 149 17.93 36.22 0.97
N MET A 150 17.40 35.01 0.84
CA MET A 150 18.05 33.83 1.38
C MET A 150 19.35 33.57 0.63
N ASP A 151 20.48 33.68 1.34
CA ASP A 151 21.79 33.63 0.68
C ASP A 151 22.11 32.24 0.17
N ASP A 152 21.91 31.22 1.01
CA ASP A 152 22.26 29.85 0.63
C ASP A 152 21.03 29.10 0.11
N PHE A 153 20.48 29.62 -1.00
CA PHE A 153 19.37 28.93 -1.64
C PHE A 153 19.85 27.70 -2.39
N VAL A 154 20.96 27.82 -3.10
CA VAL A 154 21.49 26.73 -3.91
C VAL A 154 22.39 25.85 -3.05
N LEU A 155 22.29 24.53 -3.26
CA LEU A 155 23.04 23.55 -2.50
C LEU A 155 24.25 23.13 -3.32
N ARG A 156 25.44 23.28 -2.73
CA ARG A 156 26.68 22.88 -3.39
C ARG A 156 27.00 21.43 -3.05
N THR A 157 27.54 20.72 -4.04
CA THR A 157 27.83 19.30 -3.87
C THR A 157 28.93 19.11 -2.83
N GLY A 158 28.74 18.12 -1.96
CA GLY A 158 29.74 17.81 -0.96
C GLY A 158 29.88 18.82 0.16
N GLU A 159 28.85 19.63 0.41
CA GLU A 159 28.86 20.62 1.47
C GLU A 159 27.65 20.43 2.36
N GLN A 160 27.85 20.57 3.66
CA GLN A 160 26.79 20.40 4.64
C GLN A 160 26.21 21.76 5.03
N PHE A 161 24.89 21.85 5.01
CA PHE A 161 24.19 23.06 5.42
C PHE A 161 23.21 22.73 6.53
N SER A 162 23.23 23.51 7.60
CA SER A 162 22.39 23.28 8.78
C SER A 162 21.33 24.36 8.86
N PHE A 163 20.10 23.96 9.18
CA PHE A 163 18.99 24.90 9.21
C PHE A 163 17.94 24.42 10.21
N ASN A 164 17.10 25.35 10.65
CA ASN A 164 16.06 25.09 11.64
C ASN A 164 14.69 25.18 11.00
N THR A 165 13.85 24.19 11.25
CA THR A 165 12.48 24.18 10.73
C THR A 165 11.52 23.76 11.82
N THR A 166 10.38 24.45 11.89
CA THR A 166 9.28 24.08 12.77
C THR A 166 8.09 23.68 11.90
N ALA A 167 6.96 23.40 12.56
CA ALA A 167 5.80 22.91 11.83
C ALA A 167 5.17 23.97 10.95
N ALA A 168 5.34 25.25 11.30
CA ALA A 168 4.80 26.36 10.53
C ALA A 168 5.86 27.06 9.70
N GLN A 169 7.07 26.51 9.63
CA GLN A 169 8.16 27.09 8.86
C GLN A 169 8.78 26.02 7.97
N PRO A 170 8.09 25.61 6.91
CA PRO A 170 8.71 24.70 5.95
C PRO A 170 9.80 25.42 5.17
N GLN A 171 10.79 24.67 4.73
CA GLN A 171 11.91 25.24 3.98
C GLN A 171 12.14 24.43 2.72
N TYR A 172 12.80 25.03 1.74
CA TYR A 172 13.21 24.25 0.58
C TYR A 172 14.36 24.96 -0.12
N PHE A 173 15.27 24.14 -0.64
CA PHE A 173 16.48 24.60 -1.31
C PHE A 173 16.55 24.03 -2.71
N LYS A 174 17.11 24.80 -3.64
CA LYS A 174 17.26 24.37 -5.02
C LYS A 174 18.64 23.75 -5.20
N TYR A 175 18.69 22.52 -5.73
CA TYR A 175 20.01 21.90 -6.04
C TYR A 175 20.19 21.85 -7.55
N GLU A 176 21.27 22.43 -8.07
CA GLU A 176 21.42 22.50 -9.54
C GLU A 176 22.39 21.40 -10.01
N PHE A 177 21.88 20.36 -10.67
CA PHE A 177 22.74 19.22 -11.11
C PHE A 177 23.96 19.78 -11.86
N PRO A 178 25.21 19.48 -11.39
CA PRO A 178 26.42 19.98 -12.04
C PRO A 178 26.59 19.35 -13.42
N GLU A 179 27.62 19.76 -14.15
CA GLU A 179 27.87 19.20 -15.51
C GLU A 179 28.67 17.90 -15.39
N GLY A 180 28.13 16.79 -15.91
CA GLY A 180 28.87 15.52 -15.90
C GLY A 180 28.47 14.62 -14.74
N VAL A 181 27.44 14.99 -13.97
CA VAL A 181 26.94 14.13 -12.85
C VAL A 181 25.67 13.41 -13.31
N ASP A 182 25.71 12.07 -13.36
CA ASP A 182 24.53 11.32 -13.75
C ASP A 182 23.42 11.38 -12.70
N SER A 183 23.78 11.24 -11.43
CA SER A 183 22.80 11.22 -10.35
C SER A 183 23.49 11.59 -9.05
N VAL A 184 22.71 12.06 -8.09
CA VAL A 184 23.21 12.45 -6.78
C VAL A 184 22.35 11.78 -5.71
N ILE A 185 22.80 11.91 -4.46
CA ILE A 185 22.05 11.46 -3.30
C ILE A 185 21.98 12.63 -2.31
N VAL A 186 20.79 12.88 -1.80
CA VAL A 186 20.55 13.92 -0.80
C VAL A 186 20.44 13.24 0.56
N LYS A 187 21.36 13.55 1.46
CA LYS A 187 21.43 12.95 2.78
C LYS A 187 21.13 14.03 3.80
N VAL A 188 20.09 13.83 4.60
CA VAL A 188 19.70 14.79 5.62
C VAL A 188 19.71 14.09 6.97
N THR A 189 20.35 14.71 7.96
CA THR A 189 20.53 14.10 9.27
C THR A 189 20.11 15.08 10.36
N SER A 190 19.76 14.53 11.51
CA SER A 190 19.38 15.31 12.68
C SER A 190 19.91 14.63 13.94
N ASN A 191 20.06 15.42 15.00
CA ASN A 191 20.55 14.90 16.27
C ASN A 191 19.40 14.41 17.16
N LYS A 192 18.48 15.31 17.50
CA LYS A 192 17.30 14.91 18.27
C LYS A 192 16.30 14.22 17.36
N ALA A 193 15.80 13.07 17.81
CA ALA A 193 14.96 12.24 16.94
C ALA A 193 13.61 12.90 16.68
N PHE A 194 13.13 13.71 17.61
CA PHE A 194 11.82 14.33 17.45
C PHE A 194 11.96 15.83 17.34
N PRO A 195 11.01 16.53 16.68
CA PRO A 195 9.77 16.06 16.06
C PRO A 195 9.93 15.37 14.71
N CYS A 196 8.87 14.74 14.23
CA CYS A 196 8.88 14.07 12.94
C CYS A 196 8.96 15.10 11.81
N SER A 197 9.38 14.64 10.64
CA SER A 197 9.46 15.55 9.50
C SER A 197 9.31 14.76 8.20
N VAL A 198 9.06 15.48 7.11
CA VAL A 198 8.93 14.93 5.78
C VAL A 198 9.90 15.66 4.87
N ILE A 199 10.71 14.90 4.13
CA ILE A 199 11.70 15.43 3.20
C ILE A 199 11.31 14.97 1.81
N SER A 200 11.08 15.91 0.90
CA SER A 200 10.58 15.59 -0.43
C SER A 200 11.46 16.22 -1.50
N ILE A 201 11.48 15.59 -2.67
CA ILE A 201 12.22 16.07 -3.83
C ILE A 201 11.21 16.33 -4.95
N GLN A 202 11.21 17.54 -5.48
CA GLN A 202 10.23 17.97 -6.46
C GLN A 202 10.93 18.66 -7.63
N ASP A 203 10.26 18.66 -8.78
CA ASP A 203 10.83 19.33 -9.94
C ASP A 203 10.71 20.85 -9.80
N VAL A 204 11.52 21.56 -10.56
CA VAL A 204 11.60 23.02 -10.46
C VAL A 204 10.49 23.60 -11.34
N LEU A 205 9.32 23.78 -10.73
CA LEU A 205 8.16 24.32 -11.44
C LEU A 205 7.19 24.87 -10.41
N CYS A 206 6.82 26.14 -10.55
CA CYS A 206 5.91 26.76 -9.60
C CYS A 206 4.55 26.07 -9.70
N PRO A 207 3.85 25.86 -8.58
CA PRO A 207 4.22 26.16 -7.20
C PRO A 207 4.91 24.98 -6.53
N VAL A 208 5.43 25.17 -5.33
CA VAL A 208 6.12 24.12 -4.58
C VAL A 208 5.23 23.73 -3.41
N TYR A 209 4.94 22.43 -3.29
CA TYR A 209 4.01 21.94 -2.28
C TYR A 209 4.76 21.73 -0.97
N ASP A 210 4.83 22.78 -0.16
CA ASP A 210 5.52 22.74 1.12
C ASP A 210 4.56 22.74 2.30
N LEU A 211 3.26 22.66 2.07
CA LEU A 211 2.31 22.59 3.17
C LEU A 211 2.18 21.16 3.66
N ASP A 212 1.48 21.00 4.79
CA ASP A 212 1.36 19.68 5.39
C ASP A 212 0.46 18.77 4.57
N ASN A 213 -0.55 19.33 3.91
CA ASN A 213 -1.55 18.52 3.23
C ASN A 213 -1.17 18.12 1.81
N ASN A 214 -0.42 18.97 1.09
CA ASN A 214 -0.10 18.70 -0.30
C ASN A 214 1.33 18.23 -0.51
N VAL A 215 2.07 17.98 0.58
CA VAL A 215 3.46 17.54 0.45
C VAL A 215 3.60 16.16 -0.15
N ALA A 216 2.51 15.40 -0.23
CA ALA A 216 2.54 14.04 -0.77
C ALA A 216 1.91 13.96 -2.16
N PHE A 217 1.76 15.10 -2.83
CA PHE A 217 1.14 15.13 -4.15
C PHE A 217 2.10 14.57 -5.21
N ILE A 218 3.25 15.21 -5.39
CA ILE A 218 4.23 14.80 -6.38
C ILE A 218 5.59 14.67 -5.71
N GLY A 219 6.59 14.34 -6.51
CA GLY A 219 7.94 14.21 -6.01
C GLY A 219 8.14 12.91 -5.26
N MET A 220 9.35 12.74 -4.76
CA MET A 220 9.71 11.56 -3.97
C MET A 220 9.96 12.00 -2.53
N TYR A 221 9.19 11.45 -1.60
CA TYR A 221 9.25 11.94 -0.23
C TYR A 221 9.46 10.79 0.75
N GLN A 222 10.20 11.09 1.82
CA GLN A 222 10.45 10.17 2.91
C GLN A 222 10.12 10.88 4.22
N THR A 223 9.39 10.20 5.10
CA THR A 223 9.23 10.69 6.45
C THR A 223 10.43 10.24 7.27
N MET A 224 10.96 11.16 8.07
CA MET A 224 12.20 10.91 8.80
C MET A 224 12.10 11.50 10.20
N THR A 225 12.86 10.90 11.11
CA THR A 225 13.05 11.37 12.47
C THR A 225 14.49 11.73 12.77
N LYS A 226 15.45 10.93 12.29
CA LYS A 226 16.86 11.24 12.52
C LYS A 226 17.68 11.28 11.24
N LYS A 227 17.38 10.42 10.26
CA LYS A 227 18.18 10.37 9.05
C LYS A 227 17.28 10.03 7.86
N ALA A 228 17.68 10.51 6.69
CA ALA A 228 16.99 10.19 5.45
C ALA A 228 17.95 10.39 4.28
N ALA A 229 17.74 9.62 3.22
CA ALA A 229 18.55 9.71 2.01
C ALA A 229 17.69 9.41 0.80
N ILE A 230 17.72 10.31 -0.18
CA ILE A 230 16.92 10.18 -1.39
C ILE A 230 17.84 10.28 -2.60
N THR A 231 17.73 9.32 -3.52
CA THR A 231 18.56 9.27 -4.72
C THR A 231 17.83 9.95 -5.87
N VAL A 232 18.47 10.95 -6.46
CA VAL A 232 17.87 11.76 -7.52
C VAL A 232 18.68 11.56 -8.79
N GLN A 233 17.98 11.40 -9.92
CA GLN A 233 18.62 11.15 -11.20
C GLN A 233 18.27 12.26 -12.18
N ARG A 234 19.17 12.47 -13.15
CA ARG A 234 18.99 13.56 -14.11
C ARG A 234 17.94 13.23 -15.18
N LYS A 235 17.77 11.94 -15.51
CA LYS A 235 16.82 11.58 -16.54
C LYS A 235 15.39 11.94 -16.15
N ASP A 236 15.10 11.98 -14.84
CA ASP A 236 13.76 12.32 -14.37
C ASP A 236 13.53 13.81 -14.23
N PHE A 237 14.57 14.62 -14.38
CA PHE A 237 14.47 16.08 -14.21
C PHE A 237 15.10 16.75 -15.42
N PRO A 238 14.30 17.02 -16.47
CA PRO A 238 14.86 17.60 -17.69
C PRO A 238 15.41 19.01 -17.52
N SER A 239 15.02 19.72 -16.47
CA SER A 239 15.48 21.09 -16.29
C SER A 239 16.82 21.19 -15.59
N ASN A 240 17.45 20.06 -15.27
CA ASN A 240 18.80 20.04 -14.68
C ASN A 240 18.84 20.73 -13.33
N SER A 241 17.79 20.53 -12.53
CA SER A 241 17.70 21.10 -11.19
C SER A 241 16.48 20.51 -10.50
N PHE A 242 16.47 20.60 -9.18
CA PHE A 242 15.29 20.18 -8.42
C PHE A 242 15.22 20.95 -7.10
N TYR A 243 14.18 20.67 -6.34
CA TYR A 243 13.92 21.31 -5.06
C TYR A 243 13.87 20.25 -3.97
N VAL A 244 14.54 20.53 -2.85
CA VAL A 244 14.47 19.71 -1.65
C VAL A 244 13.64 20.46 -0.63
N VAL A 245 12.50 19.88 -0.24
CA VAL A 245 11.52 20.53 0.62
C VAL A 245 11.46 19.77 1.94
N VAL A 246 11.62 20.51 3.04
CA VAL A 246 11.55 19.96 4.38
C VAL A 246 10.33 20.56 5.09
N VAL A 247 9.52 19.69 5.70
CA VAL A 247 8.33 20.08 6.43
C VAL A 247 8.35 19.36 7.77
N VAL A 248 7.93 20.05 8.84
CA VAL A 248 7.90 19.46 10.18
C VAL A 248 6.45 19.19 10.54
N LYS A 249 6.16 17.95 10.92
CA LYS A 249 4.81 17.56 11.28
C LYS A 249 4.43 18.14 12.64
N THR A 250 3.17 17.91 13.03
CA THR A 250 2.66 18.36 14.32
C THR A 250 2.62 17.23 15.34
N GLU A 251 2.14 16.06 14.94
CA GLU A 251 2.10 14.89 15.81
C GLU A 251 3.12 13.88 15.34
N ASP A 252 3.88 13.32 16.28
CA ASP A 252 4.95 12.40 15.97
C ASP A 252 4.46 10.95 15.88
N GLN A 253 3.16 10.75 15.62
CA GLN A 253 2.64 9.39 15.53
C GLN A 253 3.20 8.67 14.30
N ALA A 254 3.35 9.38 13.18
CA ALA A 254 3.86 8.75 11.97
C ALA A 254 5.28 8.23 12.15
N CYS A 255 6.14 9.02 12.81
CA CYS A 255 7.50 8.61 13.06
C CYS A 255 7.60 7.47 14.07
N GLY A 256 6.54 7.20 14.83
CA GLY A 256 6.52 6.11 15.78
C GLY A 256 6.51 6.52 17.24
N GLY A 257 6.36 7.80 17.54
CA GLY A 257 6.32 8.25 18.92
C GLY A 257 4.99 8.01 19.59
N SER A 258 4.92 8.42 20.84
CA SER A 258 3.71 8.32 21.65
C SER A 258 3.03 9.68 21.69
N LEU A 259 1.76 9.72 21.30
CA LEU A 259 1.03 10.98 21.24
C LEU A 259 0.83 11.53 22.66
N PRO A 260 0.90 12.85 22.82
CA PRO A 260 0.65 13.42 24.15
C PRO A 260 -0.81 13.28 24.55
N PHE A 261 -1.03 13.12 25.86
CA PHE A 261 -2.38 12.94 26.39
C PHE A 261 -2.94 14.26 26.89
N TYR A 262 -3.06 15.22 25.97
CA TYR A 262 -3.69 16.49 26.27
C TYR A 262 -5.20 16.29 26.40
N PRO A 263 -5.88 17.18 27.12
CA PRO A 263 -7.34 17.06 27.23
C PRO A 263 -8.02 17.17 25.87
N PHE A 264 -9.10 16.39 25.72
CA PHE A 264 -9.82 16.31 24.45
C PHE A 264 -10.67 17.57 24.28
N ALA A 265 -10.03 18.61 23.77
CA ALA A 265 -10.69 19.89 23.49
C ALA A 265 -11.04 19.92 22.01
N GLU A 266 -12.34 19.94 21.71
CA GLU A 266 -12.78 19.88 20.32
C GLU A 266 -12.53 21.20 19.59
N ASP A 267 -12.84 22.32 20.24
CA ASP A 267 -12.76 23.63 19.60
C ASP A 267 -11.79 24.57 20.32
N GLU A 268 -10.86 24.03 21.11
CA GLU A 268 -9.88 24.84 21.82
C GLU A 268 -8.49 24.46 21.32
N PRO A 269 -7.77 25.37 20.66
CA PRO A 269 -6.43 25.03 20.15
C PRO A 269 -5.39 25.12 21.25
N VAL A 270 -4.50 24.13 21.29
CA VAL A 270 -3.45 24.06 22.29
C VAL A 270 -2.11 24.33 21.62
N ASP A 271 -1.33 25.21 22.24
CA ASP A 271 0.00 25.50 21.72
C ASP A 271 0.95 24.36 22.06
N GLN A 272 1.87 24.09 21.15
CA GLN A 272 2.84 23.01 21.33
C GLN A 272 4.13 23.46 22.00
N GLY A 273 4.21 24.73 22.41
CA GLY A 273 5.41 25.24 23.04
C GLY A 273 6.48 25.59 22.03
N HIS A 274 7.72 25.17 22.29
CA HIS A 274 8.82 25.36 21.37
C HIS A 274 9.18 23.98 20.81
N ARG A 275 8.71 23.71 19.59
CA ARG A 275 9.07 22.50 18.87
C ARG A 275 9.84 22.91 17.62
N GLN A 276 11.03 22.35 17.45
CA GLN A 276 11.91 22.73 16.36
C GLN A 276 12.76 21.53 15.97
N LYS A 277 13.25 21.57 14.73
CA LYS A 277 14.13 20.52 14.24
C LYS A 277 15.32 21.15 13.54
N THR A 278 16.51 20.79 13.98
CA THR A 278 17.76 21.24 13.36
C THR A 278 18.25 20.13 12.44
N LEU A 279 18.41 20.44 11.17
CA LEU A 279 18.74 19.44 10.15
C LEU A 279 19.97 19.87 9.39
N SER A 280 20.82 18.90 9.05
CA SER A 280 22.00 19.12 8.22
C SER A 280 21.84 18.32 6.95
N VAL A 281 21.92 19.01 5.81
CA VAL A 281 21.68 18.43 4.49
C VAL A 281 22.97 18.49 3.69
N LEU A 282 23.24 17.41 2.95
CA LEU A 282 24.42 17.33 2.09
C LEU A 282 24.04 16.57 0.83
N VAL A 283 24.36 17.13 -0.33
CA VAL A 283 24.09 16.50 -1.62
C VAL A 283 25.42 16.02 -2.18
N SER A 284 25.55 14.71 -2.38
CA SER A 284 26.81 14.12 -2.80
C SER A 284 26.60 13.27 -4.05
N GLN A 285 27.52 13.41 -4.99
CA GLN A 285 27.41 12.66 -6.26
C GLN A 285 27.34 11.18 -5.90
N ALA A 286 26.58 10.41 -6.68
CA ALA A 286 26.41 8.99 -6.35
C ALA A 286 27.57 8.20 -6.97
N VAL A 287 27.59 6.89 -6.75
CA VAL A 287 28.67 6.04 -7.32
C VAL A 287 28.63 6.14 -8.84
N THR A 288 29.80 6.19 -9.48
CA THR A 288 29.87 6.27 -10.96
C THR A 288 29.67 4.89 -11.57
N SER A 289 29.91 4.75 -12.86
CA SER A 289 29.67 3.43 -13.53
C SER A 289 30.75 2.43 -13.16
N GLU A 290 31.94 2.90 -12.77
CA GLU A 290 33.05 1.97 -12.46
C GLU A 290 32.69 1.12 -11.26
N ALA A 291 32.23 1.76 -10.17
CA ALA A 291 31.90 1.01 -8.94
C ALA A 291 31.04 -0.19 -9.31
N TYR A 292 30.11 -0.03 -10.25
CA TYR A 292 29.26 -1.17 -10.69
C TYR A 292 30.16 -2.26 -11.29
N VAL A 293 31.05 -1.87 -12.21
CA VAL A 293 31.92 -2.85 -12.87
C VAL A 293 32.83 -3.53 -11.86
N SER A 294 33.44 -2.78 -10.94
CA SER A 294 34.31 -3.34 -9.89
C SER A 294 33.53 -4.27 -8.97
N GLY A 295 32.32 -3.90 -8.55
CA GLY A 295 31.44 -4.74 -7.74
C GLY A 295 31.04 -6.05 -8.43
N MET A 296 30.66 -6.00 -9.72
CA MET A 296 30.35 -7.18 -10.53
C MET A 296 31.56 -8.10 -10.71
N LEU A 297 32.71 -7.54 -11.08
CA LEU A 297 33.96 -8.31 -11.26
C LEU A 297 34.43 -8.93 -9.95
N PHE A 298 34.30 -8.21 -8.83
CA PHE A 298 34.64 -8.72 -7.50
C PHE A 298 33.76 -9.91 -7.10
N CYS A 299 32.43 -9.76 -7.23
CA CYS A 299 31.48 -10.84 -6.93
C CYS A 299 31.74 -12.08 -7.79
N LEU A 300 31.83 -11.92 -9.12
CA LEU A 300 32.12 -13.02 -10.03
C LEU A 300 33.51 -13.63 -9.76
N GLY A 301 34.52 -12.82 -9.50
CA GLY A 301 35.89 -13.25 -9.23
C GLY A 301 35.98 -14.15 -8.00
N ILE A 302 35.30 -13.78 -6.89
CA ILE A 302 35.25 -14.60 -5.67
C ILE A 302 34.62 -15.96 -5.98
N PHE A 303 33.44 -16.01 -6.57
CA PHE A 303 32.73 -17.29 -6.75
C PHE A 303 33.34 -18.16 -7.84
N LEU A 304 33.82 -17.58 -8.94
CA LEU A 304 34.54 -18.33 -9.99
C LEU A 304 35.85 -18.93 -9.48
N SER A 305 36.48 -18.33 -8.46
CA SER A 305 37.68 -18.92 -7.83
C SER A 305 37.40 -20.30 -7.22
N PHE A 306 36.19 -20.54 -6.68
CA PHE A 306 35.79 -21.85 -6.17
C PHE A 306 35.62 -22.87 -7.30
N TYR A 307 35.06 -22.45 -8.44
CA TYR A 307 34.99 -23.30 -9.63
C TYR A 307 36.39 -23.68 -10.14
N LEU A 308 37.30 -22.70 -10.24
CA LEU A 308 38.68 -22.97 -10.62
C LEU A 308 39.37 -23.91 -9.63
N LEU A 309 39.21 -23.68 -8.31
CA LEU A 309 39.77 -24.54 -7.28
C LEU A 309 39.24 -25.98 -7.39
N THR A 310 37.94 -26.18 -7.58
CA THR A 310 37.37 -27.53 -7.73
C THR A 310 37.86 -28.24 -8.99
N VAL A 311 38.02 -27.54 -10.11
CA VAL A 311 38.60 -28.09 -11.34
C VAL A 311 40.06 -28.46 -11.12
N LEU A 312 40.86 -27.60 -10.46
CA LEU A 312 42.25 -27.89 -10.12
C LEU A 312 42.38 -29.12 -9.21
N LEU A 313 41.52 -29.24 -8.19
CA LEU A 313 41.47 -30.41 -7.32
C LEU A 313 41.07 -31.68 -8.08
N ALA A 314 40.07 -31.61 -8.96
CA ALA A 314 39.67 -32.75 -9.79
C ALA A 314 40.78 -33.18 -10.77
N CYS A 315 41.49 -32.22 -11.38
CA CYS A 315 42.66 -32.47 -12.22
C CYS A 315 43.79 -33.11 -11.42
N TRP A 316 44.06 -32.61 -10.20
CA TRP A 316 45.04 -33.20 -9.30
C TRP A 316 44.68 -34.65 -8.96
N ALA A 460 6.40 -18.91 -2.56
CA ALA A 460 7.33 -17.82 -2.86
C ALA A 460 6.81 -16.95 -4.00
N LEU A 461 6.05 -17.56 -4.90
CA LEU A 461 5.48 -16.81 -6.02
C LEU A 461 4.56 -15.68 -5.58
N PRO A 462 3.61 -15.87 -4.66
CA PRO A 462 2.83 -14.71 -4.20
C PRO A 462 3.69 -13.63 -3.58
N VAL A 463 4.76 -14.01 -2.88
CA VAL A 463 5.70 -13.02 -2.37
C VAL A 463 6.32 -12.24 -3.52
N VAL A 464 6.65 -12.92 -4.62
CA VAL A 464 7.22 -12.25 -5.78
C VAL A 464 6.22 -11.25 -6.35
N GLN A 465 4.95 -11.64 -6.47
CA GLN A 465 3.95 -10.72 -7.00
C GLN A 465 3.76 -9.51 -6.09
N LEU A 466 3.70 -9.74 -4.78
CA LEU A 466 3.57 -8.64 -3.83
C LEU A 466 4.77 -7.69 -3.92
N VAL A 467 5.98 -8.25 -4.02
CA VAL A 467 7.17 -7.42 -4.09
C VAL A 467 7.16 -6.58 -5.37
N ILE A 468 6.79 -7.20 -6.49
CA ILE A 468 6.74 -6.47 -7.76
C ILE A 468 5.72 -5.34 -7.69
N THR A 469 4.53 -5.63 -7.15
CA THR A 469 3.50 -4.60 -7.03
C THR A 469 3.96 -3.47 -6.14
N TYR A 470 4.61 -3.79 -5.01
CA TYR A 470 5.06 -2.74 -4.10
C TYR A 470 6.18 -1.92 -4.71
N GLN A 471 7.07 -2.55 -5.47
CA GLN A 471 8.13 -1.79 -6.14
C GLN A 471 7.56 -0.86 -7.19
N THR A 472 6.58 -1.32 -7.96
CA THR A 472 5.92 -0.44 -8.93
C THR A 472 5.21 0.70 -8.22
N VAL A 473 4.58 0.41 -7.08
CA VAL A 473 3.89 1.44 -6.31
C VAL A 473 4.88 2.50 -5.83
N VAL A 474 6.04 2.06 -5.34
CA VAL A 474 7.08 3.00 -4.93
C VAL A 474 7.56 3.82 -6.12
N ASN A 475 7.76 3.18 -7.26
CA ASN A 475 8.34 3.85 -8.42
C ASN A 475 7.39 4.92 -8.97
N VAL A 476 6.09 4.64 -9.01
CA VAL A 476 5.13 5.53 -9.64
C VAL A 476 4.53 6.52 -8.64
N THR A 477 4.39 6.13 -7.38
CA THR A 477 3.74 6.99 -6.38
C THR A 477 4.68 8.10 -5.92
N GLY A 478 5.96 7.79 -5.78
CA GLY A 478 6.89 8.69 -5.13
C GLY A 478 7.00 8.51 -3.63
N ASN A 479 6.16 7.66 -3.04
CA ASN A 479 6.24 7.36 -1.63
C ASN A 479 7.35 6.35 -1.39
N GLN A 480 8.34 6.73 -0.58
CA GLN A 480 9.48 5.87 -0.28
C GLN A 480 9.41 5.27 1.12
N ASP A 481 8.22 5.22 1.70
CA ASP A 481 8.02 4.63 3.02
C ASP A 481 7.58 3.18 2.95
N ILE A 482 7.45 2.61 1.75
CA ILE A 482 6.92 1.26 1.62
C ILE A 482 8.02 0.22 1.86
N CYS A 483 9.16 0.36 1.17
CA CYS A 483 10.24 -0.60 1.27
C CYS A 483 11.28 -0.14 2.26
N TYR A 484 11.86 -1.09 2.99
CA TYR A 484 12.87 -0.80 4.01
C TYR A 484 14.28 -1.06 3.46
N TYR A 485 14.67 -0.27 2.46
CA TYR A 485 16.01 -0.41 1.93
C TYR A 485 17.04 0.15 2.89
N ASN A 486 18.31 -0.07 2.57
CA ASN A 486 19.42 0.63 3.20
C ASN A 486 19.71 1.86 2.36
N PHE A 487 18.94 2.93 2.57
CA PHE A 487 18.94 4.07 1.67
C PHE A 487 20.28 4.78 1.59
N LEU A 488 21.18 4.57 2.55
CA LEU A 488 22.50 5.18 2.47
C LEU A 488 23.41 4.44 1.49
N CYS A 489 23.30 3.13 1.41
CA CYS A 489 24.10 2.32 0.48
C CYS A 489 23.14 1.42 -0.28
N ALA A 490 22.54 1.96 -1.35
CA ALA A 490 21.62 1.22 -2.20
C ALA A 490 21.68 1.87 -3.58
N HIS A 491 22.35 1.20 -4.51
CA HIS A 491 22.63 1.78 -5.81
C HIS A 491 21.69 1.20 -6.86
N PRO A 492 20.86 2.02 -7.51
CA PRO A 492 19.87 1.50 -8.45
C PRO A 492 20.46 1.20 -9.82
N LEU A 493 19.68 0.47 -10.61
CA LEU A 493 19.98 0.22 -12.01
C LEU A 493 18.68 -0.18 -12.69
N GLY A 494 18.34 0.51 -13.78
CA GLY A 494 17.06 0.27 -14.41
C GLY A 494 15.93 0.71 -13.50
N ASN A 495 14.91 -0.13 -13.35
CA ASN A 495 13.82 0.13 -12.44
C ASN A 495 14.08 -0.38 -11.02
N LEU A 496 15.10 -1.21 -10.84
CA LEU A 496 15.44 -1.73 -9.52
C LEU A 496 16.08 -0.63 -8.69
N SER A 497 15.63 -0.51 -7.44
CA SER A 497 16.05 0.59 -6.58
C SER A 497 17.28 0.28 -5.76
N ALA A 498 17.56 -0.98 -5.47
CA ALA A 498 18.76 -1.39 -4.74
C ALA A 498 19.35 -2.59 -5.47
N PHE A 499 20.22 -2.32 -6.45
CA PHE A 499 20.75 -3.38 -7.29
C PHE A 499 21.84 -4.19 -6.59
N ASN A 500 22.61 -3.56 -5.70
CA ASN A 500 23.65 -4.29 -4.99
C ASN A 500 23.05 -5.35 -4.08
N ASN A 501 21.92 -5.04 -3.43
CA ASN A 501 21.28 -6.01 -2.56
C ASN A 501 20.82 -7.24 -3.34
N ILE A 502 20.35 -7.06 -4.57
CA ILE A 502 20.01 -8.21 -5.40
C ILE A 502 21.25 -8.95 -5.84
N LEU A 503 22.28 -8.22 -6.30
CA LEU A 503 23.48 -8.86 -6.81
C LEU A 503 24.21 -9.66 -5.75
N SER A 504 24.08 -9.30 -4.47
CA SER A 504 24.83 -9.97 -3.43
C SER A 504 24.44 -11.43 -3.26
N ASN A 505 23.29 -11.84 -3.80
CA ASN A 505 22.85 -13.23 -3.68
C ASN A 505 23.37 -14.12 -4.81
N LEU A 506 24.16 -13.58 -5.73
CA LEU A 506 24.65 -14.36 -6.86
C LEU A 506 25.56 -15.49 -6.38
N GLY A 507 26.22 -15.28 -5.23
CA GLY A 507 27.06 -16.31 -4.67
C GLY A 507 26.29 -17.56 -4.28
N TYR A 508 25.06 -17.38 -3.77
CA TYR A 508 24.21 -18.52 -3.50
C TYR A 508 24.07 -19.41 -4.74
N ILE A 509 23.72 -18.80 -5.87
CA ILE A 509 23.54 -19.57 -7.09
C ILE A 509 24.83 -20.28 -7.48
N LEU A 510 25.93 -19.52 -7.62
CA LEU A 510 27.16 -20.14 -8.10
C LEU A 510 27.66 -21.24 -7.17
N LEU A 511 27.62 -21.00 -5.86
CA LEU A 511 28.23 -21.93 -4.93
C LEU A 511 27.35 -23.17 -4.75
N GLY A 512 26.03 -22.99 -4.70
CA GLY A 512 25.14 -24.14 -4.69
C GLY A 512 25.27 -24.99 -5.93
N LEU A 513 25.50 -24.34 -7.09
CA LEU A 513 25.66 -25.09 -8.33
C LEU A 513 27.01 -25.82 -8.34
N LEU A 514 28.05 -25.21 -7.75
CA LEU A 514 29.32 -25.90 -7.58
C LEU A 514 29.17 -27.14 -6.71
N PHE A 515 28.34 -27.08 -5.67
CA PHE A 515 28.07 -28.28 -4.90
C PHE A 515 27.48 -29.39 -5.74
N LEU A 516 26.55 -29.06 -6.64
CA LEU A 516 26.00 -30.07 -7.53
C LEU A 516 27.08 -30.65 -8.43
N LEU A 517 27.97 -29.80 -8.96
CA LEU A 517 29.08 -30.33 -9.77
C LEU A 517 29.93 -31.31 -8.96
N ILE A 518 30.34 -30.92 -7.74
CA ILE A 518 31.28 -31.76 -7.01
C ILE A 518 30.64 -33.09 -6.63
N ILE A 519 29.36 -33.06 -6.21
CA ILE A 519 28.74 -34.34 -5.87
C ILE A 519 28.45 -35.17 -7.10
N LEU A 520 28.16 -34.56 -8.24
CA LEU A 520 27.99 -35.35 -9.46
C LEU A 520 29.29 -36.04 -9.83
N GLN A 521 30.42 -35.33 -9.70
CA GLN A 521 31.72 -35.96 -9.95
C GLN A 521 31.97 -37.10 -8.98
N ARG A 522 31.67 -36.90 -7.70
CA ARG A 522 31.88 -37.96 -6.72
C ARG A 522 31.01 -39.18 -7.04
N GLU A 523 29.75 -38.94 -7.40
CA GLU A 523 28.83 -40.04 -7.68
C GLU A 523 29.25 -40.82 -8.92
N ILE A 524 29.65 -40.12 -9.99
CA ILE A 524 30.06 -40.83 -11.20
C ILE A 524 31.36 -41.59 -10.95
N ASN A 525 32.26 -41.04 -10.12
CA ASN A 525 33.46 -41.79 -9.77
C ASN A 525 33.12 -43.05 -8.99
N HIS A 526 32.18 -42.94 -8.05
CA HIS A 526 31.77 -44.12 -7.27
C HIS A 526 31.15 -45.18 -8.17
N ASN A 527 30.29 -44.75 -9.10
CA ASN A 527 29.65 -45.71 -10.01
C ASN A 527 30.67 -46.37 -10.93
N ARG A 528 31.64 -45.61 -11.44
CA ARG A 528 32.67 -46.19 -12.27
C ARG A 528 33.53 -47.19 -11.48
N ALA A 529 33.86 -46.85 -10.23
CA ALA A 529 34.62 -47.78 -9.40
C ALA A 529 33.85 -49.05 -9.11
N LEU A 530 32.55 -48.94 -8.85
CA LEU A 530 31.75 -50.12 -8.53
C LEU A 530 31.61 -51.05 -9.72
N LEU A 531 31.62 -50.51 -10.95
CA LEU A 531 31.49 -51.32 -12.14
C LEU A 531 32.67 -52.29 -12.29
N PHE A 546 22.44 -39.97 -1.37
CA PHE A 546 23.01 -38.80 -2.03
C PHE A 546 21.92 -37.78 -2.37
N GLY A 547 20.67 -38.21 -2.23
CA GLY A 547 19.57 -37.31 -2.55
C GLY A 547 19.45 -36.14 -1.60
N LEU A 548 19.74 -36.36 -0.32
CA LEU A 548 19.65 -35.28 0.67
C LEU A 548 20.61 -34.16 0.36
N PHE A 549 21.84 -34.48 -0.05
CA PHE A 549 22.79 -33.45 -0.43
C PHE A 549 22.28 -32.64 -1.62
N TYR A 550 21.66 -33.32 -2.60
CA TYR A 550 21.03 -32.61 -3.70
C TYR A 550 19.93 -31.68 -3.21
N ALA A 551 19.15 -32.13 -2.22
CA ALA A 551 18.10 -31.28 -1.67
C ALA A 551 18.69 -30.02 -1.04
N MET A 552 19.78 -30.18 -0.28
CA MET A 552 20.44 -29.00 0.30
C MET A 552 20.99 -28.09 -0.78
N GLY A 553 21.58 -28.65 -1.83
CA GLY A 553 22.09 -27.82 -2.92
C GLY A 553 20.98 -27.03 -3.60
N THR A 554 19.85 -27.69 -3.85
CA THR A 554 18.71 -27.00 -4.43
C THR A 554 18.14 -25.94 -3.50
N ALA A 555 18.13 -26.20 -2.18
CA ALA A 555 17.71 -25.16 -1.24
C ALA A 555 18.64 -23.96 -1.28
N LEU A 556 19.95 -24.21 -1.36
CA LEU A 556 20.90 -23.12 -1.51
C LEU A 556 20.63 -22.32 -2.78
N MET A 557 20.37 -23.01 -3.89
CA MET A 557 20.03 -22.29 -5.13
C MET A 557 18.75 -21.49 -4.98
N MET A 558 17.72 -22.05 -4.34
CA MET A 558 16.47 -21.35 -4.10
C MET A 558 16.64 -20.13 -3.21
N GLU A 559 17.63 -20.13 -2.32
CA GLU A 559 17.95 -18.92 -1.57
C GLU A 559 18.27 -17.77 -2.52
N GLY A 560 19.14 -18.03 -3.50
CA GLY A 560 19.58 -17.01 -4.44
C GLY A 560 18.46 -16.39 -5.26
N LEU A 561 17.28 -17.01 -5.29
CA LEU A 561 16.11 -16.43 -5.93
C LEU A 561 15.18 -15.79 -4.92
N LEU A 562 14.84 -16.51 -3.85
CA LEU A 562 13.85 -16.03 -2.90
C LEU A 562 14.37 -14.82 -2.12
N SER A 563 15.58 -14.92 -1.57
CA SER A 563 16.16 -13.79 -0.86
C SER A 563 16.43 -12.61 -1.77
N ALA A 564 16.82 -12.87 -3.03
CA ALA A 564 17.03 -11.79 -3.98
C ALA A 564 15.71 -11.06 -4.26
N CYS A 565 14.63 -11.80 -4.47
CA CYS A 565 13.33 -11.18 -4.72
C CYS A 565 12.82 -10.45 -3.50
N TYR A 566 13.14 -10.95 -2.30
CA TYR A 566 12.74 -10.23 -1.08
C TYR A 566 13.39 -8.86 -1.01
N HIS A 567 14.68 -8.78 -1.34
CA HIS A 567 15.43 -7.53 -1.19
C HIS A 567 15.03 -6.48 -2.22
N VAL A 568 14.23 -6.83 -3.23
CA VAL A 568 13.69 -5.84 -4.14
C VAL A 568 12.80 -4.85 -3.40
N CYS A 569 12.12 -5.30 -2.35
CA CYS A 569 11.34 -4.43 -1.48
C CYS A 569 11.14 -5.09 -0.12
N PRO A 570 12.11 -4.99 0.79
CA PRO A 570 11.93 -5.57 2.12
C PRO A 570 10.78 -4.89 2.86
N ASN A 571 10.01 -5.70 3.58
CA ASN A 571 8.89 -5.19 4.36
C ASN A 571 8.46 -6.26 5.37
N TYR A 572 7.68 -5.85 6.37
CA TYR A 572 7.23 -6.79 7.42
C TYR A 572 6.23 -7.80 6.84
N THR A 573 5.79 -7.57 5.60
CA THR A 573 4.78 -8.46 4.97
C THR A 573 5.46 -9.59 4.18
N ASN A 574 6.74 -9.41 3.83
CA ASN A 574 7.46 -10.42 3.01
C ASN A 574 8.80 -10.77 3.66
N PHE A 575 8.97 -10.45 4.94
CA PHE A 575 10.28 -10.69 5.60
C PHE A 575 10.51 -12.18 5.88
N GLN A 576 9.45 -12.91 6.25
CA GLN A 576 9.65 -14.33 6.68
C GLN A 576 10.60 -15.07 5.73
N PHE A 577 10.38 -15.00 4.42
CA PHE A 577 11.17 -15.80 3.45
C PHE A 577 12.65 -15.41 3.42
N ASP A 578 12.98 -14.20 3.83
CA ASP A 578 14.40 -13.74 3.77
C ASP A 578 15.26 -14.63 4.68
N THR A 579 14.72 -15.06 5.83
CA THR A 579 15.53 -15.86 6.77
C THR A 579 14.88 -17.22 7.02
N SER A 580 13.65 -17.42 6.55
CA SER A 580 12.95 -18.69 6.89
C SER A 580 13.70 -19.88 6.30
N PHE A 581 13.81 -19.92 4.97
CA PHE A 581 14.44 -21.09 4.34
C PHE A 581 15.81 -21.29 4.98
N MET A 582 16.48 -20.20 5.35
CA MET A 582 17.78 -20.35 6.06
C MET A 582 17.62 -21.43 7.13
N TYR A 583 16.71 -21.26 8.09
CA TYR A 583 16.62 -22.28 9.12
C TYR A 583 16.28 -23.64 8.52
N MET A 584 15.44 -23.65 7.49
CA MET A 584 15.08 -24.90 6.83
C MET A 584 16.31 -25.64 6.36
N ILE A 585 17.25 -24.93 5.73
CA ILE A 585 18.48 -25.58 5.28
C ILE A 585 19.21 -26.18 6.48
N ALA A 586 19.29 -25.43 7.57
CA ALA A 586 19.92 -25.95 8.78
C ALA A 586 19.30 -27.29 9.17
N GLY A 587 17.97 -27.38 9.08
CA GLY A 587 17.30 -28.63 9.41
C GLY A 587 17.85 -29.80 8.61
N LEU A 588 18.03 -29.60 7.30
CA LEU A 588 18.58 -30.67 6.48
C LEU A 588 19.92 -31.13 7.03
N CYS A 589 20.79 -30.17 7.38
CA CYS A 589 22.07 -30.53 8.00
C CYS A 589 21.83 -31.41 9.21
N MET A 590 20.95 -30.96 10.12
CA MET A 590 20.65 -31.74 11.31
C MET A 590 20.17 -33.13 10.93
N LEU A 591 19.35 -33.22 9.88
CA LEU A 591 18.85 -34.52 9.44
C LEU A 591 19.98 -35.44 9.04
N LYS A 592 20.96 -34.91 8.29
CA LYS A 592 22.06 -35.75 7.88
C LYS A 592 22.97 -36.08 9.06
N LEU A 593 22.89 -35.30 10.13
CA LEU A 593 23.56 -35.69 11.36
C LEU A 593 22.78 -36.77 12.08
N TYR A 594 21.45 -36.75 11.95
CA TYR A 594 20.62 -37.77 12.58
C TYR A 594 20.65 -39.09 11.83
N GLN A 595 21.04 -39.07 10.55
CA GLN A 595 21.08 -40.28 9.74
C GLN A 595 22.48 -40.91 9.74
N ALA A 608 12.25 -36.10 6.74
CA ALA A 608 12.80 -35.20 5.74
C ALA A 608 11.81 -34.09 5.39
N TYR A 609 10.87 -34.41 4.49
CA TYR A 609 9.88 -33.42 4.09
C TYR A 609 8.94 -33.07 5.25
N ALA A 610 8.63 -34.06 6.10
CA ALA A 610 7.75 -33.78 7.24
C ALA A 610 8.41 -32.84 8.24
N CYS A 611 9.66 -33.11 8.60
CA CYS A 611 10.37 -32.21 9.52
C CYS A 611 10.58 -30.84 8.90
N LEU A 612 10.85 -30.80 7.58
CA LEU A 612 10.98 -29.52 6.89
C LEU A 612 9.70 -28.71 6.95
N ALA A 613 8.55 -29.37 6.70
CA ALA A 613 7.27 -28.68 6.78
C ALA A 613 6.99 -28.20 8.20
N ILE A 614 7.33 -29.03 9.20
CA ILE A 614 7.14 -28.63 10.59
C ILE A 614 7.97 -27.40 10.90
N VAL A 615 9.23 -27.38 10.43
CA VAL A 615 10.09 -26.22 10.66
C VAL A 615 9.52 -24.98 9.98
N ILE A 616 9.03 -25.13 8.74
CA ILE A 616 8.48 -23.99 8.02
C ILE A 616 7.27 -23.42 8.73
N PHE A 617 6.36 -24.29 9.16
CA PHE A 617 5.16 -23.82 9.83
C PHE A 617 5.46 -23.24 11.20
N PHE A 618 6.43 -23.79 11.93
CA PHE A 618 6.83 -23.20 13.20
C PHE A 618 7.47 -21.84 13.00
N SER A 619 8.27 -21.68 11.94
CA SER A 619 8.82 -20.38 11.63
C SER A 619 7.73 -19.37 11.30
N VAL A 620 6.72 -19.80 10.54
CA VAL A 620 5.59 -18.92 10.23
C VAL A 620 4.87 -18.51 11.51
N LEU A 621 4.62 -19.48 12.40
CA LEU A 621 3.91 -19.18 13.64
C LEU A 621 4.71 -18.20 14.49
N GLY A 622 6.02 -18.44 14.61
CA GLY A 622 6.86 -17.55 15.41
C GLY A 622 6.98 -16.15 14.82
N VAL A 623 7.01 -16.06 13.49
CA VAL A 623 7.19 -14.76 12.84
C VAL A 623 5.88 -14.07 12.54
N VAL A 624 4.74 -14.68 12.87
CA VAL A 624 3.47 -13.95 12.83
C VAL A 624 3.55 -12.71 13.72
N PHE A 625 4.14 -12.86 14.90
CA PHE A 625 4.44 -11.74 15.79
C PHE A 625 5.88 -11.27 15.63
N ASN A 629 6.00 -7.75 24.02
CA ASN A 629 5.46 -9.11 24.04
C ASN A 629 6.17 -9.95 25.09
N THR A 630 6.02 -9.56 26.36
CA THR A 630 6.69 -10.26 27.45
C THR A 630 6.15 -11.68 27.60
N ALA A 631 4.86 -11.87 27.37
CA ALA A 631 4.29 -13.21 27.40
C ALA A 631 4.97 -14.11 26.38
N PHE A 632 5.21 -13.59 25.18
CA PHE A 632 6.03 -14.32 24.21
C PHE A 632 7.45 -14.49 24.72
N TRP A 633 8.02 -13.46 25.35
CA TRP A 633 9.40 -13.56 25.83
C TRP A 633 9.58 -14.67 26.85
N ILE A 634 8.52 -15.03 27.56
CA ILE A 634 8.58 -16.10 28.56
C ILE A 634 8.19 -17.45 27.96
N VAL A 635 7.11 -17.49 27.17
CA VAL A 635 6.64 -18.74 26.59
C VAL A 635 7.67 -19.28 25.60
N PHE A 636 8.33 -18.39 24.86
CA PHE A 636 9.37 -18.81 23.93
C PHE A 636 10.52 -19.48 24.66
N SER A 637 10.95 -18.91 25.80
CA SER A 637 12.01 -19.53 26.58
C SER A 637 11.58 -20.89 27.13
N ILE A 638 10.34 -20.98 27.63
CA ILE A 638 9.85 -22.26 28.15
C ILE A 638 9.83 -23.31 27.05
N ILE A 639 9.32 -22.95 25.87
CA ILE A 639 9.26 -23.89 24.75
C ILE A 639 10.65 -24.28 24.30
N HIS A 640 11.59 -23.32 24.32
CA HIS A 640 12.97 -23.63 23.96
C HIS A 640 13.56 -24.66 24.92
N ILE A 641 13.34 -24.47 26.23
CA ILE A 641 13.87 -25.42 27.20
C ILE A 641 13.26 -26.80 27.00
N ILE A 642 11.94 -26.84 26.82
CA ILE A 642 11.26 -28.13 26.65
C ILE A 642 11.73 -28.83 25.39
N ALA A 643 11.84 -28.10 24.28
CA ALA A 643 12.28 -28.68 23.02
C ALA A 643 13.72 -29.18 23.11
N THR A 644 14.60 -28.41 23.76
CA THR A 644 15.97 -28.86 23.93
C THR A 644 16.04 -30.13 24.75
N LEU A 645 15.26 -30.20 25.84
CA LEU A 645 15.26 -31.40 26.67
C LEU A 645 14.74 -32.61 25.88
N LEU A 646 13.67 -32.42 25.11
CA LEU A 646 13.13 -33.52 24.33
C LEU A 646 14.10 -33.97 23.25
N LEU A 647 14.77 -33.02 22.58
CA LEU A 647 15.75 -33.36 21.57
C LEU A 647 16.92 -34.13 22.17
N SER A 648 17.38 -33.71 23.35
CA SER A 648 18.45 -34.45 24.02
C SER A 648 17.99 -35.85 24.41
N THR A 649 16.75 -35.98 24.86
CA THR A 649 16.23 -37.29 25.25
C THR A 649 16.13 -38.22 24.05
N GLN A 650 15.67 -37.71 22.91
CA GLN A 650 15.55 -38.56 21.73
C GLN A 650 16.92 -39.03 21.24
N LEU A 651 17.93 -38.18 21.34
CA LEU A 651 19.29 -38.56 20.97
C LEU A 651 19.85 -39.60 21.93
N VAL A 685 27.12 -42.03 29.87
CA VAL A 685 27.70 -41.06 30.79
C VAL A 685 28.15 -39.82 30.02
N ASP A 686 28.94 -40.03 28.97
CA ASP A 686 29.41 -38.92 28.16
C ASP A 686 28.24 -38.19 27.51
N ARG A 687 27.28 -38.94 26.96
CA ARG A 687 26.16 -38.32 26.26
C ARG A 687 25.30 -37.49 27.20
N MET A 688 25.02 -38.01 28.40
CA MET A 688 24.12 -37.30 29.31
C MET A 688 24.76 -36.01 29.83
N VAL A 689 26.03 -36.07 30.21
CA VAL A 689 26.73 -34.87 30.65
C VAL A 689 26.87 -33.88 29.51
N LEU A 690 27.15 -34.39 28.31
CA LEU A 690 27.31 -33.54 27.14
C LEU A 690 26.02 -32.79 26.82
N LEU A 691 24.88 -33.49 26.84
CA LEU A 691 23.60 -32.85 26.61
C LEU A 691 23.21 -31.93 27.75
N VAL A 692 23.64 -32.24 28.98
CA VAL A 692 23.38 -31.32 30.09
C VAL A 692 24.11 -30.00 29.88
N MET A 693 25.38 -30.06 29.46
CA MET A 693 26.12 -28.83 29.18
C MET A 693 25.49 -28.08 28.01
N GLY A 694 25.05 -28.79 26.97
CA GLY A 694 24.38 -28.14 25.87
C GLY A 694 23.11 -27.42 26.30
N ASN A 695 22.30 -28.09 27.14
CA ASN A 695 21.09 -27.47 27.64
C ASN A 695 21.41 -26.28 28.54
N VAL A 696 22.48 -26.36 29.32
CA VAL A 696 22.85 -25.27 30.22
C VAL A 696 23.23 -24.03 29.42
N ILE A 697 24.07 -24.20 28.39
CA ILE A 697 24.45 -23.05 27.59
C ILE A 697 23.26 -22.55 26.77
N ASN A 698 22.36 -23.44 26.34
CA ASN A 698 21.16 -23.00 25.64
C ASN A 698 20.28 -22.15 26.54
N TRP A 699 20.12 -22.55 27.81
CA TRP A 699 19.36 -21.74 28.75
C TRP A 699 20.07 -20.42 29.03
N SER A 700 21.41 -20.43 29.03
CA SER A 700 22.15 -19.18 29.17
C SER A 700 21.83 -18.23 28.01
N LEU A 701 21.81 -18.75 26.78
CA LEU A 701 21.44 -17.93 25.63
C LEU A 701 19.99 -17.46 25.73
N ALA A 702 19.10 -18.32 26.21
CA ALA A 702 17.70 -17.93 26.38
C ALA A 702 17.56 -16.80 27.38
N ALA A 703 18.27 -16.87 28.50
CA ALA A 703 18.25 -15.80 29.48
C ALA A 703 18.86 -14.52 28.89
N TYR A 704 19.93 -14.66 28.12
CA TYR A 704 20.52 -13.51 27.44
C TYR A 704 19.49 -12.83 26.55
N GLY A 705 18.75 -13.61 25.75
CA GLY A 705 17.74 -13.03 24.90
C GLY A 705 16.57 -12.43 25.69
N LEU A 706 16.25 -13.03 26.83
CA LEU A 706 15.08 -12.61 27.60
C LEU A 706 15.36 -11.33 28.39
N ILE A 707 16.59 -11.13 28.85
CA ILE A 707 16.84 -10.08 29.84
C ILE A 707 16.83 -8.71 29.18
N MET A 708 17.76 -8.45 28.24
CA MET A 708 17.85 -7.10 27.69
C MET A 708 16.96 -6.94 26.47
N ARG A 709 16.86 -7.98 25.63
CA ARG A 709 16.06 -7.95 24.42
C ARG A 709 16.47 -6.78 23.52
N PRO A 710 17.72 -6.74 23.04
CA PRO A 710 18.18 -5.60 22.25
C PRO A 710 17.75 -5.69 20.79
N ASN A 711 17.48 -6.90 20.30
CA ASN A 711 17.13 -7.13 18.91
C ASN A 711 15.82 -7.91 18.84
N ASP A 712 15.33 -8.09 17.62
CA ASP A 712 14.08 -8.76 17.38
C ASP A 712 14.24 -10.28 17.46
N PHE A 713 13.09 -10.97 17.56
CA PHE A 713 13.11 -12.43 17.57
C PHE A 713 13.66 -13.00 16.27
N ALA A 714 13.59 -12.23 15.18
CA ALA A 714 14.08 -12.72 13.89
C ALA A 714 15.58 -12.97 13.92
N SER A 715 16.34 -12.02 14.48
CA SER A 715 17.78 -12.22 14.59
C SER A 715 18.10 -13.30 15.61
N TYR A 716 17.36 -13.32 16.73
CA TYR A 716 17.62 -14.29 17.78
C TYR A 716 17.40 -15.72 17.31
N LEU A 717 16.35 -15.95 16.51
CA LEU A 717 16.06 -17.31 16.04
C LEU A 717 17.19 -17.84 15.17
N LEU A 718 17.66 -17.04 14.21
CA LEU A 718 18.78 -17.49 13.39
C LEU A 718 20.02 -17.66 14.25
N ALA A 719 20.23 -16.78 15.23
CA ALA A 719 21.39 -16.92 16.11
C ALA A 719 21.38 -18.26 16.84
N ILE A 720 20.26 -18.62 17.47
CA ILE A 720 20.23 -19.88 18.21
C ILE A 720 20.33 -21.05 17.25
N GLY A 721 19.76 -20.91 16.04
CA GLY A 721 19.88 -21.97 15.06
C GLY A 721 21.32 -22.25 14.67
N ILE A 722 22.08 -21.21 14.32
CA ILE A 722 23.46 -21.42 13.90
C ILE A 722 24.31 -21.87 15.08
N CYS A 723 24.06 -21.31 16.27
CA CYS A 723 24.82 -21.74 17.44
C CYS A 723 24.60 -23.20 17.74
N ASN A 724 23.34 -23.66 17.65
CA ASN A 724 23.06 -25.08 17.88
C ASN A 724 23.63 -25.94 16.76
N LEU A 725 23.67 -25.43 15.53
CA LEU A 725 24.27 -26.18 14.43
C LEU A 725 25.76 -26.41 14.69
N LEU A 726 26.51 -25.34 14.98
CA LEU A 726 27.92 -25.51 15.32
C LEU A 726 28.08 -26.35 16.57
N LEU A 727 27.12 -26.26 17.50
CA LEU A 727 27.20 -27.01 18.75
C LEU A 727 27.10 -28.50 18.49
N TYR A 728 26.15 -28.92 17.64
CA TYR A 728 26.05 -30.32 17.27
C TYR A 728 27.23 -30.76 16.41
N PHE A 729 27.71 -29.87 15.52
CA PHE A 729 28.92 -30.17 14.75
C PHE A 729 30.08 -30.51 15.68
N ALA A 730 30.26 -29.69 16.73
CA ALA A 730 31.32 -29.94 17.70
C ALA A 730 31.07 -31.21 18.50
N PHE A 731 29.81 -31.49 18.83
CA PHE A 731 29.53 -32.72 19.58
C PHE A 731 29.90 -33.96 18.78
N TYR A 732 29.62 -33.94 17.49
CA TYR A 732 29.99 -35.09 16.67
C TYR A 732 31.51 -35.25 16.62
N ILE A 733 32.24 -34.14 16.53
CA ILE A 733 33.70 -34.20 16.56
C ILE A 733 34.18 -34.76 17.88
N ILE A 734 33.57 -34.34 19.00
CA ILE A 734 33.99 -34.83 20.30
C ILE A 734 33.73 -36.33 20.42
N MET A 735 32.57 -36.78 19.94
CA MET A 735 32.28 -38.21 19.92
C MET A 735 33.32 -38.96 19.09
N LYS A 736 33.78 -38.36 18.00
CA LYS A 736 34.85 -38.97 17.21
C LYS A 736 36.15 -39.03 18.00
N LEU A 737 36.49 -37.95 18.73
CA LEU A 737 37.73 -37.93 19.51
C LEU A 737 37.70 -38.99 20.60
N ARG A 738 36.54 -39.19 21.24
CA ARG A 738 36.46 -40.21 22.28
C ARG A 738 36.69 -41.61 21.71
N SER A 739 36.47 -41.78 20.42
CA SER A 739 36.82 -43.00 19.72
C SER A 739 38.22 -42.89 19.12
N GLY A 740 38.72 -44.01 18.60
CA GLY A 740 40.04 -44.02 18.00
C GLY A 740 40.10 -43.47 16.59
N GLU A 741 38.96 -43.11 16.01
CA GLU A 741 38.93 -42.60 14.65
C GLU A 741 39.63 -41.26 14.55
N ARG A 742 40.59 -41.16 13.63
CA ARG A 742 41.38 -39.95 13.44
C ARG A 742 40.80 -39.14 12.29
N ILE A 743 40.51 -37.86 12.55
CA ILE A 743 39.96 -36.99 11.52
C ILE A 743 41.04 -36.72 10.48
N LYS A 744 40.70 -36.86 9.21
CA LYS A 744 41.64 -36.56 8.15
C LYS A 744 41.90 -35.05 8.11
N LEU A 745 42.97 -34.68 7.40
CA LEU A 745 43.36 -33.28 7.33
C LEU A 745 42.29 -32.41 6.67
N ILE A 746 41.72 -32.90 5.57
CA ILE A 746 40.73 -32.10 4.83
C ILE A 746 39.49 -31.80 5.67
N PRO A 747 38.83 -32.79 6.31
CA PRO A 747 37.69 -32.43 7.16
C PRO A 747 38.05 -31.51 8.32
N LEU A 748 39.25 -31.64 8.89
CA LEU A 748 39.66 -30.76 9.98
C LEU A 748 39.78 -29.33 9.49
N LEU A 749 40.45 -29.13 8.36
CA LEU A 749 40.52 -27.80 7.77
C LEU A 749 39.14 -27.28 7.44
N CYS A 750 38.24 -28.17 7.00
CA CYS A 750 36.90 -27.76 6.63
C CYS A 750 36.12 -27.26 7.84
N ILE A 751 36.16 -27.99 8.96
CA ILE A 751 35.43 -27.55 10.15
C ILE A 751 36.01 -26.24 10.67
N VAL A 752 37.34 -26.14 10.70
CA VAL A 752 37.96 -24.91 11.19
C VAL A 752 37.57 -23.72 10.33
N CYS A 753 37.65 -23.88 9.00
CA CYS A 753 37.33 -22.78 8.09
C CYS A 753 35.85 -22.41 8.19
N THR A 754 34.97 -23.41 8.25
CA THR A 754 33.54 -23.13 8.36
C THR A 754 33.24 -22.37 9.64
N SER A 755 33.86 -22.78 10.76
CA SER A 755 33.61 -22.11 12.02
C SER A 755 34.10 -20.67 12.00
N VAL A 756 35.31 -20.44 11.50
CA VAL A 756 35.83 -19.08 11.51
C VAL A 756 35.01 -18.19 10.58
N VAL A 757 34.58 -18.73 9.43
CA VAL A 757 33.74 -17.95 8.52
C VAL A 757 32.40 -17.62 9.16
N TRP A 758 31.76 -18.62 9.79
CA TRP A 758 30.50 -18.36 10.47
C TRP A 758 30.65 -17.33 11.58
N GLY A 759 31.83 -17.24 12.19
CA GLY A 759 32.08 -16.17 13.14
C GLY A 759 31.79 -14.79 12.59
N PHE A 760 32.50 -14.40 11.54
CA PHE A 760 32.27 -13.10 10.94
C PHE A 760 30.88 -13.01 10.31
N ALA A 761 30.34 -14.13 9.84
CA ALA A 761 28.99 -14.09 9.27
C ALA A 761 27.98 -13.65 10.33
N LEU A 762 28.02 -14.26 11.51
CA LEU A 762 27.15 -13.83 12.60
C LEU A 762 27.48 -12.41 13.04
N PHE A 763 28.77 -12.05 13.03
CA PHE A 763 29.15 -10.69 13.38
C PHE A 763 28.44 -9.67 12.48
N PHE A 764 28.48 -9.91 11.18
CA PHE A 764 27.85 -8.97 10.25
C PHE A 764 26.33 -9.07 10.28
N PHE A 765 25.79 -10.24 10.60
CA PHE A 765 24.34 -10.38 10.70
C PHE A 765 23.79 -9.60 11.89
N PHE A 766 24.53 -9.56 13.00
CA PHE A 766 24.06 -8.87 14.20
C PHE A 766 24.09 -7.36 14.08
N GLN A 767 24.46 -6.81 12.92
CA GLN A 767 24.53 -5.36 12.79
C GLN A 767 23.14 -4.74 12.73
N GLY A 768 22.24 -5.31 11.95
CA GLY A 768 20.90 -4.76 11.82
C GLY A 768 20.87 -3.43 11.10
N LEU A 769 21.18 -3.43 9.81
CA LEU A 769 21.19 -2.19 9.03
C LEU A 769 19.79 -1.59 8.95
N SER A 770 18.78 -2.41 8.72
CA SER A 770 17.40 -1.96 8.64
C SER A 770 16.52 -2.89 9.47
N THR A 771 15.70 -2.31 10.33
CA THR A 771 14.78 -3.07 11.16
C THR A 771 13.35 -2.68 10.79
N TRP A 772 12.50 -3.68 10.61
CA TRP A 772 11.13 -3.47 10.17
C TRP A 772 10.13 -3.51 11.32
N GLN A 773 10.60 -3.67 12.56
CA GLN A 773 9.69 -3.71 13.71
C GLN A 773 9.02 -2.36 13.91
N LYS A 774 9.75 -1.28 13.72
CA LYS A 774 9.27 0.07 13.99
C LYS A 774 8.85 0.74 12.70
N THR A 775 8.49 2.02 12.79
CA THR A 775 8.09 2.78 11.62
C THR A 775 9.29 3.00 10.69
N PRO A 776 9.06 3.17 9.39
CA PRO A 776 10.18 3.36 8.47
C PRO A 776 11.06 4.55 8.80
N ALA A 777 10.46 5.62 9.35
CA ALA A 777 11.25 6.78 9.74
C ALA A 777 12.28 6.40 10.79
N GLU A 778 11.89 5.58 11.77
CA GLU A 778 12.85 5.04 12.72
C GLU A 778 13.81 4.05 12.05
N SER A 779 13.30 3.22 11.14
CA SER A 779 14.15 2.25 10.48
C SER A 779 15.28 2.93 9.71
N ARG A 780 15.10 4.21 9.35
CA ARG A 780 16.14 4.93 8.64
C ARG A 780 17.30 5.35 9.52
N GLU A 781 17.18 5.25 10.85
CA GLU A 781 18.27 5.73 11.70
C GLU A 781 19.49 4.83 11.59
N HIS A 782 19.30 3.53 11.37
CA HIS A 782 20.39 2.58 11.41
C HIS A 782 21.02 2.32 10.05
N ASN A 783 20.77 3.20 9.08
CA ASN A 783 21.43 3.07 7.78
C ASN A 783 22.91 3.42 7.89
N ARG A 784 23.75 2.64 7.21
CA ARG A 784 25.18 2.91 7.13
C ARG A 784 25.62 2.85 5.68
N ASP A 785 26.69 3.58 5.38
CA ASP A 785 27.17 3.73 4.01
C ASP A 785 27.76 2.41 3.50
N CYS A 786 28.17 2.42 2.24
CA CYS A 786 28.81 1.27 1.64
C CYS A 786 30.19 1.04 2.27
N ILE A 787 30.51 -0.22 2.55
CA ILE A 787 31.74 -0.57 3.24
C ILE A 787 32.77 -1.17 2.30
N LEU A 788 32.36 -2.05 1.39
CA LEU A 788 33.27 -2.78 0.54
C LEU A 788 33.13 -2.28 -0.89
N LEU A 789 34.24 -1.81 -1.46
CA LEU A 789 34.31 -1.33 -2.85
C LEU A 789 33.29 -0.25 -3.16
N ASP A 790 32.80 0.46 -2.14
CA ASP A 790 31.81 1.51 -2.28
C ASP A 790 30.52 1.01 -2.93
N PHE A 791 30.24 -0.29 -2.82
CA PHE A 791 29.07 -0.86 -3.46
C PHE A 791 28.25 -1.73 -2.52
N PHE A 792 28.90 -2.38 -1.56
CA PHE A 792 28.26 -3.36 -0.70
C PHE A 792 28.27 -2.88 0.75
N ASP A 793 27.12 -2.96 1.40
CA ASP A 793 27.00 -2.66 2.83
C ASP A 793 27.12 -3.96 3.63
N ASP A 794 26.80 -3.87 4.93
CA ASP A 794 27.04 -5.00 5.82
C ASP A 794 26.15 -6.20 5.48
N HIS A 795 24.91 -5.95 5.06
CA HIS A 795 24.02 -7.07 4.77
C HIS A 795 24.48 -7.85 3.54
N ASP A 796 25.07 -7.17 2.55
CA ASP A 796 25.65 -7.90 1.43
C ASP A 796 26.83 -8.75 1.87
N ILE A 797 27.61 -8.25 2.83
CA ILE A 797 28.69 -9.06 3.40
C ILE A 797 28.12 -10.25 4.14
N TRP A 798 26.98 -10.07 4.80
CA TRP A 798 26.29 -11.19 5.43
C TRP A 798 25.88 -12.23 4.39
N HIS A 799 25.34 -11.80 3.26
CA HIS A 799 25.01 -12.73 2.19
C HIS A 799 26.25 -13.47 1.68
N PHE A 800 27.32 -12.71 1.40
CA PHE A 800 28.55 -13.29 0.87
C PHE A 800 29.13 -14.34 1.82
N LEU A 801 29.21 -14.03 3.11
CA LEU A 801 29.77 -14.95 4.08
C LEU A 801 28.83 -16.08 4.47
N SER A 802 27.52 -15.85 4.45
CA SER A 802 26.58 -16.94 4.68
C SER A 802 26.67 -17.99 3.59
N SER A 803 26.84 -17.55 2.33
CA SER A 803 27.00 -18.52 1.24
C SER A 803 28.21 -19.40 1.46
N ILE A 804 29.35 -18.80 1.80
CA ILE A 804 30.57 -19.57 2.07
C ILE A 804 30.39 -20.45 3.29
N ALA A 805 29.69 -19.96 4.31
CA ALA A 805 29.51 -20.73 5.53
C ALA A 805 28.67 -21.98 5.27
N MET A 806 27.58 -21.86 4.51
CA MET A 806 26.82 -23.05 4.14
C MET A 806 27.62 -23.98 3.23
N PHE A 807 28.43 -23.44 2.32
CA PHE A 807 29.23 -24.32 1.48
C PHE A 807 30.21 -25.13 2.33
N GLY A 808 30.88 -24.47 3.28
CA GLY A 808 31.78 -25.18 4.16
C GLY A 808 31.07 -26.16 5.07
N SER A 809 29.90 -25.80 5.59
CA SER A 809 29.14 -26.71 6.43
C SER A 809 28.74 -27.96 5.65
N PHE A 810 28.35 -27.78 4.39
CA PHE A 810 27.97 -28.93 3.57
C PHE A 810 29.19 -29.80 3.26
N LEU A 811 30.31 -29.16 2.89
CA LEU A 811 31.53 -29.92 2.64
C LEU A 811 32.04 -30.64 3.87
N VAL A 812 31.73 -30.12 5.06
CA VAL A 812 32.05 -30.83 6.30
C VAL A 812 31.27 -32.14 6.37
N LEU A 813 29.98 -32.08 6.04
CA LEU A 813 29.15 -33.29 6.04
C LEU A 813 29.63 -34.28 4.99
N LEU A 814 29.95 -33.79 3.79
CA LEU A 814 30.31 -34.69 2.69
C LEU A 814 31.61 -35.44 2.98
N THR A 815 32.61 -34.77 3.53
CA THR A 815 33.92 -35.36 3.75
C THR A 815 34.09 -35.91 5.16
N LEU A 816 33.02 -35.94 5.95
CA LEU A 816 33.10 -36.46 7.30
C LEU A 816 33.32 -37.97 7.28
N PRO B 24 0.82 55.58 -6.66
CA PRO B 24 0.84 54.19 -6.23
C PRO B 24 -0.14 53.33 -7.02
N LYS B 25 -0.62 52.24 -6.42
CA LYS B 25 -1.62 51.39 -7.05
C LYS B 25 -3.01 51.97 -6.84
N ASN B 26 -3.84 51.88 -7.87
CA ASN B 26 -5.22 52.35 -7.79
C ASN B 26 -6.11 51.22 -7.27
N VAL B 27 -6.79 51.45 -6.17
CA VAL B 27 -7.71 50.49 -5.58
C VAL B 27 -9.13 51.04 -5.68
N SER B 28 -10.01 50.26 -6.29
CA SER B 28 -11.42 50.59 -6.38
C SER B 28 -12.23 49.61 -5.55
N GLN B 29 -13.33 50.09 -4.96
CA GLN B 29 -14.13 49.31 -4.04
C GLN B 29 -15.59 49.40 -4.44
N LYS B 30 -16.33 48.33 -4.12
CA LYS B 30 -17.77 48.27 -4.41
C LYS B 30 -18.43 47.29 -3.46
N ASP B 31 -19.61 47.65 -2.98
CA ASP B 31 -20.40 46.78 -2.11
C ASP B 31 -21.45 46.09 -2.98
N ALA B 32 -21.01 45.07 -3.71
CA ALA B 32 -21.87 44.39 -4.66
C ALA B 32 -22.77 43.39 -3.94
N GLU B 33 -23.55 42.65 -4.73
CA GLU B 33 -24.59 41.77 -4.22
C GLU B 33 -24.51 40.39 -4.87
N PHE B 34 -25.32 39.47 -4.34
CA PHE B 34 -25.37 38.10 -4.84
C PHE B 34 -26.11 38.03 -6.17
N GLU B 35 -25.87 36.93 -6.89
CA GLU B 35 -26.56 36.59 -8.13
C GLU B 35 -26.48 37.73 -9.14
N ARG B 36 -25.26 38.06 -9.53
CA ARG B 36 -25.02 39.12 -10.51
C ARG B 36 -23.62 38.95 -11.07
N THR B 37 -23.52 38.81 -12.39
CA THR B 37 -22.23 38.69 -13.06
C THR B 37 -21.70 40.08 -13.37
N TYR B 38 -20.55 40.42 -12.80
CA TYR B 38 -19.89 41.69 -13.06
C TYR B 38 -18.76 41.47 -14.05
N VAL B 39 -18.74 42.25 -15.11
CA VAL B 39 -17.68 42.22 -16.11
C VAL B 39 -16.81 43.46 -15.88
N ASP B 40 -15.53 43.25 -15.62
CA ASP B 40 -14.63 44.36 -15.29
C ASP B 40 -13.25 44.10 -15.87
N GLU B 41 -12.49 45.18 -16.00
CA GLU B 41 -11.14 45.16 -16.54
C GLU B 41 -10.11 45.38 -15.44
N VAL B 42 -9.00 44.66 -15.54
CA VAL B 42 -7.91 44.75 -14.57
C VAL B 42 -6.60 44.75 -15.35
N ASN B 43 -5.64 45.55 -14.88
CA ASN B 43 -4.29 45.56 -15.41
C ASN B 43 -3.33 45.66 -14.24
N SER B 44 -2.05 45.93 -14.53
CA SER B 44 -1.04 46.00 -13.47
C SER B 44 -1.27 47.16 -12.51
N GLU B 45 -2.28 48.00 -12.75
CA GLU B 45 -2.50 49.20 -11.96
C GLU B 45 -3.76 49.14 -11.10
N LEU B 46 -4.72 48.30 -11.47
CA LEU B 46 -6.04 48.28 -10.83
C LEU B 46 -6.17 47.11 -9.86
N VAL B 47 -6.70 47.39 -8.67
CA VAL B 47 -7.05 46.38 -7.69
C VAL B 47 -8.49 46.58 -7.27
N ASN B 48 -9.33 45.58 -7.49
CA ASN B 48 -10.76 45.69 -7.27
C ASN B 48 -11.18 44.95 -6.02
N ILE B 49 -12.03 45.59 -5.21
CA ILE B 49 -12.52 45.03 -3.96
C ILE B 49 -14.04 44.97 -4.02
N TYR B 50 -14.61 43.82 -3.73
CA TYR B 50 -16.06 43.63 -3.68
C TYR B 50 -16.43 43.11 -2.30
N THR B 51 -17.27 43.85 -1.59
CA THR B 51 -17.73 43.46 -0.27
C THR B 51 -19.09 42.77 -0.40
N PHE B 52 -19.27 41.65 0.30
CA PHE B 52 -20.50 40.89 0.23
C PHE B 52 -21.00 40.60 1.65
N ASN B 53 -22.27 40.90 1.88
CA ASN B 53 -22.96 40.58 3.12
C ASN B 53 -23.74 39.29 2.95
N HIS B 54 -23.81 38.50 4.01
CA HIS B 54 -24.41 37.18 3.94
C HIS B 54 -25.14 36.92 5.25
N THR B 55 -26.32 36.31 5.17
CA THR B 55 -27.15 36.06 6.34
C THR B 55 -27.26 34.55 6.56
N VAL B 56 -26.97 34.12 7.79
CA VAL B 56 -26.95 32.71 8.12
C VAL B 56 -27.73 32.49 9.42
N THR B 57 -28.19 31.26 9.60
CA THR B 57 -28.86 30.83 10.83
C THR B 57 -28.32 29.47 11.25
N ARG B 58 -28.42 29.18 12.54
CA ARG B 58 -27.92 27.91 13.05
C ARG B 58 -28.70 26.73 12.47
N ASN B 59 -30.02 26.86 12.37
CA ASN B 59 -30.83 25.74 11.90
C ASN B 59 -30.69 25.53 10.39
N ARG B 60 -30.63 26.61 9.63
CA ARG B 60 -30.54 26.54 8.17
C ARG B 60 -29.18 27.11 7.77
N THR B 61 -28.29 26.24 7.32
CA THR B 61 -26.99 26.63 6.80
C THR B 61 -26.98 26.45 5.28
N GLU B 62 -26.49 27.46 4.58
CA GLU B 62 -26.47 27.43 3.13
C GLU B 62 -25.13 27.94 2.63
N GLY B 63 -24.61 27.29 1.59
CA GLY B 63 -23.28 27.62 1.09
C GLY B 63 -23.27 28.81 0.14
N VAL B 64 -22.07 29.33 -0.08
CA VAL B 64 -21.85 30.45 -0.96
C VAL B 64 -20.79 30.05 -1.98
N ARG B 65 -21.04 30.33 -3.26
CA ARG B 65 -20.17 29.91 -4.34
C ARG B 65 -19.68 31.14 -5.10
N VAL B 66 -18.37 31.17 -5.38
CA VAL B 66 -17.77 32.23 -6.18
C VAL B 66 -17.40 31.64 -7.53
N SER B 67 -17.88 32.26 -8.61
CA SER B 67 -17.69 31.75 -9.96
C SER B 67 -17.11 32.86 -10.81
N VAL B 68 -15.99 32.60 -11.48
CA VAL B 68 -15.33 33.62 -12.28
C VAL B 68 -14.88 33.02 -13.61
N ASN B 69 -15.05 33.82 -14.66
CA ASN B 69 -14.60 33.53 -16.01
C ASN B 69 -13.66 34.63 -16.47
N VAL B 70 -12.69 34.24 -17.30
CA VAL B 70 -11.79 35.16 -17.97
C VAL B 70 -11.98 35.00 -19.47
N LEU B 71 -12.17 36.11 -20.17
CA LEU B 71 -12.48 36.09 -21.60
C LEU B 71 -11.30 36.53 -22.47
N ASN B 72 -10.11 36.63 -21.89
CA ASN B 72 -8.91 37.02 -22.61
C ASN B 72 -7.86 35.94 -22.44
N LYS B 73 -7.04 35.73 -23.47
CA LYS B 73 -6.03 34.68 -23.46
C LYS B 73 -4.67 35.30 -23.12
N GLN B 74 -4.18 34.99 -21.92
CA GLN B 74 -2.86 35.40 -21.47
C GLN B 74 -2.09 34.19 -20.98
N LYS B 75 -0.87 34.02 -21.47
CA LYS B 75 0.00 32.93 -21.04
C LYS B 75 1.03 33.33 -20.00
N GLY B 76 1.49 34.58 -20.02
CA GLY B 76 2.48 35.03 -19.08
C GLY B 76 1.92 35.41 -17.71
N ALA B 77 1.08 36.43 -17.67
CA ALA B 77 0.59 36.99 -16.40
C ALA B 77 -0.89 36.73 -16.24
N PRO B 78 -1.31 35.85 -15.34
CA PRO B 78 -2.74 35.63 -15.10
C PRO B 78 -3.30 36.62 -14.08
N LEU B 79 -4.63 36.56 -13.94
CA LEU B 79 -5.33 37.32 -12.92
C LEU B 79 -5.27 36.57 -11.59
N LEU B 80 -5.06 37.32 -10.51
CA LEU B 80 -4.99 36.77 -9.16
C LEU B 80 -6.25 37.17 -8.39
N PHE B 81 -6.96 36.17 -7.89
CA PHE B 81 -8.21 36.35 -7.16
C PHE B 81 -8.04 35.86 -5.73
N VAL B 82 -8.52 36.65 -4.78
CA VAL B 82 -8.48 36.26 -3.37
C VAL B 82 -9.85 36.47 -2.77
N VAL B 83 -10.30 35.52 -1.95
CA VAL B 83 -11.54 35.61 -1.21
C VAL B 83 -11.20 35.55 0.27
N ARG B 84 -11.55 36.62 0.99
CA ARG B 84 -11.19 36.79 2.39
C ARG B 84 -12.44 36.67 3.24
N GLN B 85 -12.37 35.86 4.30
CA GLN B 85 -13.45 35.68 5.24
C GLN B 85 -13.00 36.17 6.62
N LYS B 86 -13.85 35.92 7.61
CA LYS B 86 -13.46 36.26 8.99
C LYS B 86 -12.38 35.33 9.52
N GLU B 87 -12.39 34.06 9.10
CA GLU B 87 -11.49 33.07 9.66
C GLU B 87 -10.48 32.56 8.65
N ALA B 88 -10.87 32.32 7.40
CA ALA B 88 -10.00 31.73 6.41
C ALA B 88 -9.86 32.63 5.19
N VAL B 89 -8.81 32.38 4.42
CA VAL B 89 -8.54 33.07 3.16
C VAL B 89 -8.33 32.00 2.09
N VAL B 90 -8.79 32.28 0.87
CA VAL B 90 -8.52 31.41 -0.27
C VAL B 90 -8.02 32.28 -1.41
N SER B 91 -7.22 31.68 -2.29
CA SER B 91 -6.63 32.43 -3.39
C SER B 91 -6.36 31.50 -4.56
N PHE B 92 -6.47 32.04 -5.77
CA PHE B 92 -6.09 31.30 -6.95
C PHE B 92 -5.73 32.27 -8.07
N GLN B 93 -5.29 31.71 -9.18
CA GLN B 93 -4.98 32.47 -10.38
C GLN B 93 -5.69 31.86 -11.58
N VAL B 94 -6.19 32.71 -12.47
CA VAL B 94 -6.86 32.26 -13.68
C VAL B 94 -6.29 33.00 -14.88
N PRO B 95 -6.07 32.34 -16.03
CA PRO B 95 -6.40 30.95 -16.37
C PRO B 95 -5.64 29.92 -15.54
N LEU B 96 -6.38 29.13 -14.77
CA LEU B 96 -5.77 28.16 -13.86
C LEU B 96 -5.02 27.11 -14.66
N ILE B 97 -3.83 26.75 -14.18
CA ILE B 97 -2.98 25.76 -14.82
C ILE B 97 -2.89 24.55 -13.90
N LEU B 98 -3.33 23.40 -14.38
CA LEU B 98 -3.26 22.17 -13.62
C LEU B 98 -2.20 21.26 -14.24
N ARG B 99 -1.75 20.28 -13.45
CA ARG B 99 -0.62 19.45 -13.81
C ARG B 99 -1.09 18.03 -14.13
N GLY B 100 -0.49 17.45 -15.17
CA GLY B 100 -0.84 16.11 -15.58
C GLY B 100 0.07 15.05 -15.00
N MET B 101 0.66 14.23 -15.86
CA MET B 101 1.56 13.17 -15.41
C MET B 101 2.99 13.41 -15.85
N PHE B 102 3.24 13.59 -17.15
CA PHE B 102 4.58 13.84 -17.66
C PHE B 102 4.76 15.34 -17.93
N GLN B 103 4.92 16.08 -16.82
CA GLN B 103 5.05 17.54 -16.83
C GLN B 103 4.10 18.19 -17.84
N ARG B 104 2.85 17.75 -17.81
CA ARG B 104 1.78 18.29 -18.64
C ARG B 104 1.19 19.53 -17.96
N LYS B 105 0.67 20.44 -18.79
CA LYS B 105 0.03 21.65 -18.28
C LYS B 105 -1.31 21.83 -18.99
N TYR B 106 -2.39 21.78 -18.23
CA TYR B 106 -3.74 22.00 -18.76
C TYR B 106 -4.23 23.36 -18.33
N LEU B 107 -4.88 24.08 -19.25
CA LEU B 107 -5.33 25.45 -19.02
C LEU B 107 -6.84 25.48 -18.90
N TYR B 108 -7.34 26.14 -17.86
CA TYR B 108 -8.77 26.33 -17.63
C TYR B 108 -9.07 27.81 -17.47
N GLN B 109 -10.21 28.24 -18.00
CA GLN B 109 -10.57 29.65 -17.94
C GLN B 109 -11.68 29.95 -16.94
N LYS B 110 -12.51 28.97 -16.61
CA LYS B 110 -13.59 29.13 -15.64
C LYS B 110 -13.20 28.44 -14.35
N VAL B 111 -13.35 29.14 -13.22
CA VAL B 111 -13.11 28.52 -11.93
C VAL B 111 -14.24 28.90 -10.99
N GLU B 112 -14.74 27.90 -10.26
CA GLU B 112 -15.83 28.07 -9.31
C GLU B 112 -15.45 27.34 -8.02
N ARG B 113 -15.57 28.01 -6.90
CA ARG B 113 -15.23 27.38 -5.63
C ARG B 113 -16.25 27.77 -4.57
N THR B 114 -16.50 26.86 -3.64
CA THR B 114 -17.45 27.08 -2.56
C THR B 114 -16.69 27.34 -1.27
N LEU B 115 -16.97 28.48 -0.64
CA LEU B 115 -16.29 28.87 0.58
C LEU B 115 -16.73 27.97 1.74
N CYS B 116 -15.82 27.79 2.70
CA CYS B 116 -16.14 27.03 3.91
C CYS B 116 -16.57 28.02 4.98
N GLN B 117 -17.71 27.75 5.59
CA GLN B 117 -18.27 28.63 6.61
C GLN B 117 -18.32 27.87 7.94
N PRO B 118 -17.54 28.29 8.94
CA PRO B 118 -17.60 27.60 10.22
C PRO B 118 -18.96 27.76 10.87
N PRO B 119 -19.40 26.79 11.67
CA PRO B 119 -20.72 26.91 12.30
C PRO B 119 -20.79 28.13 13.21
N THR B 120 -21.93 28.80 13.16
CA THR B 120 -22.12 30.04 13.89
C THR B 120 -22.63 29.74 15.30
N LYS B 121 -22.31 30.66 16.23
CA LYS B 121 -22.69 30.50 17.63
C LYS B 121 -24.03 31.16 17.92
N ASN B 122 -24.15 32.46 17.60
CA ASN B 122 -25.41 33.17 17.82
C ASN B 122 -26.48 32.63 16.87
N GLU B 123 -27.74 32.90 17.21
CA GLU B 123 -28.85 32.41 16.41
C GLU B 123 -28.82 32.99 15.00
N SER B 124 -28.56 34.29 14.89
CA SER B 124 -28.51 34.97 13.59
C SER B 124 -27.36 35.96 13.60
N GLU B 125 -26.32 35.67 12.83
CA GLU B 125 -25.16 36.54 12.71
C GLU B 125 -24.90 36.83 11.24
N ILE B 126 -24.72 38.10 10.90
CA ILE B 126 -24.42 38.49 9.54
C ILE B 126 -22.92 38.36 9.30
N GLN B 127 -22.56 37.61 8.26
CA GLN B 127 -21.17 37.34 7.93
C GLN B 127 -20.77 38.16 6.71
N PHE B 128 -19.62 38.82 6.80
CA PHE B 128 -19.07 39.59 5.70
C PHE B 128 -17.97 38.79 5.03
N PHE B 129 -17.81 38.96 3.72
CA PHE B 129 -16.65 38.42 3.04
C PHE B 129 -16.30 39.28 1.84
N TYR B 130 -15.00 39.37 1.57
CA TYR B 130 -14.48 40.25 0.54
C TYR B 130 -13.87 39.44 -0.59
N VAL B 131 -13.97 39.95 -1.81
CA VAL B 131 -13.34 39.35 -2.97
C VAL B 131 -12.49 40.42 -3.65
N ASP B 132 -11.20 40.16 -3.77
CA ASP B 132 -10.27 41.12 -4.34
C ASP B 132 -9.63 40.54 -5.59
N VAL B 133 -9.46 41.40 -6.59
CA VAL B 133 -8.92 41.05 -7.90
C VAL B 133 -7.69 41.92 -8.15
N SER B 134 -6.62 41.30 -8.64
CA SER B 134 -5.41 42.03 -8.98
C SER B 134 -4.70 41.32 -10.12
N THR B 135 -3.74 42.00 -10.74
CA THR B 135 -2.85 41.37 -11.70
C THR B 135 -1.67 42.30 -11.93
N LEU B 136 -0.64 41.77 -12.58
CA LEU B 136 0.59 42.58 -12.84
C LEU B 136 0.86 42.64 -14.35
N SER B 137 -0.06 42.13 -15.18
CA SER B 137 0.13 42.22 -16.62
C SER B 137 0.06 43.67 -17.09
N PRO B 138 0.87 44.05 -18.08
CA PRO B 138 0.84 45.44 -18.55
C PRO B 138 -0.38 45.78 -19.41
N VAL B 139 -1.19 44.80 -19.80
CA VAL B 139 -2.31 45.03 -20.70
C VAL B 139 -3.60 44.62 -19.99
N ASN B 140 -4.69 45.27 -20.37
CA ASN B 140 -5.99 45.05 -19.75
C ASN B 140 -6.39 43.57 -19.85
N THR B 141 -7.33 43.18 -18.99
CA THR B 141 -7.88 41.83 -19.02
C THR B 141 -9.28 41.87 -18.42
N THR B 142 -10.24 41.25 -19.10
CA THR B 142 -11.64 41.31 -18.73
C THR B 142 -12.06 40.02 -18.04
N TYR B 143 -12.76 40.14 -16.93
CA TYR B 143 -13.24 39.00 -16.15
C TYR B 143 -14.67 39.24 -15.70
N GLN B 144 -15.42 38.17 -15.57
CA GLN B 144 -16.79 38.21 -15.06
C GLN B 144 -16.89 37.36 -13.80
N LEU B 145 -17.41 37.95 -12.73
CA LEU B 145 -17.44 37.34 -11.41
C LEU B 145 -18.85 37.38 -10.84
N ARG B 146 -19.25 36.29 -10.18
CA ARG B 146 -20.59 36.23 -9.62
C ARG B 146 -20.58 35.36 -8.37
N VAL B 147 -21.27 35.83 -7.32
CA VAL B 147 -21.44 35.09 -6.08
C VAL B 147 -22.87 34.58 -6.02
N SER B 148 -23.02 33.28 -5.84
CA SER B 148 -24.31 32.62 -5.82
C SER B 148 -24.56 32.01 -4.46
N ARG B 149 -25.74 32.28 -3.89
CA ARG B 149 -26.17 31.65 -2.66
C ARG B 149 -26.71 30.26 -3.01
N MET B 150 -25.88 29.24 -2.81
CA MET B 150 -26.20 27.89 -3.28
C MET B 150 -27.40 27.36 -2.50
N ASP B 151 -28.50 27.13 -3.21
CA ASP B 151 -29.76 26.79 -2.54
C ASP B 151 -29.71 25.39 -1.94
N ASP B 152 -29.25 24.41 -2.72
CA ASP B 152 -29.24 23.01 -2.26
C ASP B 152 -27.86 22.65 -1.70
N PHE B 153 -27.47 23.35 -0.64
CA PHE B 153 -26.22 23.03 0.04
C PHE B 153 -26.38 21.76 0.86
N VAL B 154 -27.49 21.62 1.58
CA VAL B 154 -27.72 20.48 2.46
C VAL B 154 -28.35 19.35 1.67
N LEU B 155 -27.91 18.13 1.95
CA LEU B 155 -28.38 16.94 1.26
C LEU B 155 -29.45 16.27 2.10
N ARG B 156 -30.63 16.06 1.53
CA ARG B 156 -31.72 15.40 2.22
C ARG B 156 -31.66 13.90 1.97
N THR B 157 -32.00 13.13 3.01
CA THR B 157 -31.92 11.68 2.91
C THR B 157 -32.92 11.14 1.90
N GLY B 158 -32.48 10.18 1.10
CA GLY B 158 -33.35 9.57 0.12
C GLY B 158 -33.73 10.45 -1.05
N GLU B 159 -32.95 11.48 -1.35
CA GLU B 159 -33.21 12.36 -2.47
C GLU B 159 -31.99 12.43 -3.36
N GLN B 160 -32.20 12.43 -4.67
CA GLN B 160 -31.13 12.49 -5.66
C GLN B 160 -30.92 13.92 -6.12
N PHE B 161 -29.67 14.37 -6.12
CA PHE B 161 -29.30 15.69 -6.61
C PHE B 161 -28.26 15.55 -7.70
N SER B 162 -28.48 16.24 -8.82
CA SER B 162 -27.60 16.16 -9.98
C SER B 162 -26.85 17.47 -10.14
N PHE B 163 -25.57 17.39 -10.45
CA PHE B 163 -24.72 18.58 -10.54
C PHE B 163 -23.58 18.32 -11.52
N ASN B 164 -23.02 19.41 -12.03
CA ASN B 164 -21.94 19.37 -13.02
C ASN B 164 -20.64 19.86 -12.39
N THR B 165 -19.57 19.10 -12.58
CA THR B 165 -18.25 19.48 -12.08
C THR B 165 -17.20 19.26 -13.16
N THR B 166 -16.29 20.21 -13.28
CA THR B 166 -15.11 20.10 -14.14
C THR B 166 -13.87 20.07 -13.26
N ALA B 167 -12.70 20.05 -13.91
CA ALA B 167 -11.46 19.91 -13.15
C ALA B 167 -11.13 21.17 -12.36
N ALA B 168 -11.63 22.32 -12.78
CA ALA B 168 -11.39 23.58 -12.08
C ALA B 168 -12.61 24.04 -11.29
N GLN B 169 -13.63 23.19 -11.17
CA GLN B 169 -14.85 23.52 -10.42
C GLN B 169 -15.17 22.37 -9.47
N PRO B 170 -14.41 22.22 -8.39
CA PRO B 170 -14.78 21.25 -7.37
C PRO B 170 -16.02 21.71 -6.63
N GLN B 171 -16.79 20.75 -6.13
CA GLN B 171 -18.01 21.06 -5.41
C GLN B 171 -18.04 20.29 -4.10
N TYR B 172 -18.85 20.76 -3.16
CA TYR B 172 -19.05 19.98 -1.95
C TYR B 172 -20.35 20.40 -1.29
N PHE B 173 -21.02 19.41 -0.69
CA PHE B 173 -22.31 19.58 -0.05
C PHE B 173 -22.24 19.09 1.38
N LYS B 174 -22.98 19.75 2.26
CA LYS B 174 -23.03 19.37 3.67
C LYS B 174 -24.19 18.43 3.90
N TYR B 175 -23.94 17.27 4.52
CA TYR B 175 -25.05 16.34 4.86
C TYR B 175 -25.24 16.35 6.38
N GLU B 176 -26.47 16.53 6.86
CA GLU B 176 -26.67 16.65 8.33
C GLU B 176 -27.34 15.39 8.87
N PHE B 177 -26.60 14.56 9.61
CA PHE B 177 -27.15 13.28 10.12
C PHE B 177 -28.48 13.56 10.81
N PRO B 178 -29.59 12.91 10.41
CA PRO B 178 -30.89 13.13 11.04
C PRO B 178 -30.92 12.56 12.46
N GLU B 179 -32.01 12.75 13.18
CA GLU B 179 -32.13 12.22 14.57
C GLU B 179 -32.55 10.75 14.53
N GLY B 180 -31.74 9.87 15.12
CA GLY B 180 -32.10 8.44 15.18
C GLY B 180 -31.47 7.61 14.08
N VAL B 181 -30.54 8.20 13.31
CA VAL B 181 -29.82 7.45 12.24
C VAL B 181 -28.40 7.13 12.73
N ASP B 182 -28.05 5.84 12.81
CA ASP B 182 -26.72 5.44 13.24
C ASP B 182 -25.67 5.73 12.18
N SER B 183 -25.96 5.42 10.92
CA SER B 183 -25.01 5.59 9.84
C SER B 183 -25.76 5.68 8.52
N VAL B 184 -25.11 6.29 7.53
CA VAL B 184 -25.69 6.44 6.20
C VAL B 184 -24.68 5.97 5.17
N ILE B 185 -25.14 5.89 3.92
CA ILE B 185 -24.29 5.59 2.78
C ILE B 185 -24.51 6.67 1.72
N VAL B 186 -23.43 7.19 1.18
CA VAL B 186 -23.46 8.19 0.12
C VAL B 186 -23.16 7.49 -1.19
N LYS B 187 -24.14 7.49 -2.09
CA LYS B 187 -24.03 6.82 -3.38
C LYS B 187 -24.02 7.88 -4.47
N VAL B 188 -22.96 7.90 -5.27
CA VAL B 188 -22.82 8.87 -6.35
C VAL B 188 -22.64 8.10 -7.65
N THR B 189 -23.40 8.48 -8.67
CA THR B 189 -23.41 7.77 -9.95
C THR B 189 -23.26 8.75 -11.08
N SER B 190 -22.77 8.24 -12.22
CA SER B 190 -22.60 9.02 -13.42
C SER B 190 -22.92 8.15 -14.63
N ASN B 191 -23.25 8.81 -15.75
CA ASN B 191 -23.59 8.10 -16.98
C ASN B 191 -22.35 7.88 -17.84
N LYS B 192 -21.68 8.96 -18.25
CA LYS B 192 -20.45 8.84 -19.01
C LYS B 192 -19.31 8.48 -18.06
N ALA B 193 -18.52 7.48 -18.44
CA ALA B 193 -17.50 6.96 -17.54
C ALA B 193 -16.37 7.97 -17.33
N PHE B 194 -16.10 8.81 -18.31
CA PHE B 194 -15.01 9.74 -18.20
C PHE B 194 -15.53 11.18 -18.17
N PRO B 195 -14.81 12.13 -17.58
CA PRO B 195 -13.48 12.03 -16.93
C PRO B 195 -13.46 11.40 -15.55
N CYS B 196 -12.28 11.10 -15.03
CA CYS B 196 -12.14 10.53 -13.71
C CYS B 196 -12.48 11.57 -12.65
N SER B 197 -12.78 11.09 -11.44
CA SER B 197 -13.10 12.01 -10.35
C SER B 197 -12.75 11.38 -9.02
N VAL B 198 -12.71 12.20 -7.98
CA VAL B 198 -12.45 11.78 -6.61
C VAL B 198 -13.58 12.29 -5.73
N ILE B 199 -14.18 11.39 -4.94
CA ILE B 199 -15.28 11.71 -4.05
C ILE B 199 -14.79 11.44 -2.63
N SER B 200 -14.82 12.47 -1.77
CA SER B 200 -14.26 12.37 -0.43
C SER B 200 -15.29 12.81 0.60
N ILE B 201 -15.15 12.27 1.81
CA ILE B 201 -15.99 12.62 2.95
C ILE B 201 -15.09 13.19 4.03
N GLN B 202 -15.42 14.40 4.50
CA GLN B 202 -14.59 15.12 5.44
C GLN B 202 -15.44 15.67 6.57
N ASP B 203 -14.81 15.91 7.71
CA ASP B 203 -15.55 16.49 8.83
C ASP B 203 -15.82 17.97 8.59
N VAL B 204 -16.79 18.50 9.32
CA VAL B 204 -17.24 19.88 9.14
C VAL B 204 -16.33 20.78 9.96
N LEU B 205 -15.24 21.22 9.33
CA LEU B 205 -14.27 22.09 10.00
C LEU B 205 -13.47 22.80 8.93
N CYS B 206 -13.45 24.13 8.98
CA CYS B 206 -12.72 24.90 8.00
C CYS B 206 -11.22 24.60 8.14
N PRO B 207 -10.49 24.51 7.02
CA PRO B 207 -10.92 24.62 5.63
C PRO B 207 -11.27 23.27 5.04
N VAL B 208 -11.81 23.24 3.82
CA VAL B 208 -12.20 22.01 3.14
C VAL B 208 -11.23 21.79 1.99
N TYR B 209 -10.61 20.61 1.95
CA TYR B 209 -9.58 20.31 0.96
C TYR B 209 -10.24 19.83 -0.32
N ASP B 210 -10.58 20.77 -1.19
CA ASP B 210 -11.21 20.48 -2.46
C ASP B 210 -10.29 20.65 -3.66
N LEU B 211 -9.01 20.93 -3.43
CA LEU B 211 -8.07 21.04 -4.53
C LEU B 211 -7.56 19.66 -4.93
N ASP B 212 -6.84 19.62 -6.05
CA ASP B 212 -6.38 18.35 -6.58
C ASP B 212 -5.27 17.75 -5.71
N ASN B 213 -4.46 18.60 -5.09
CA ASN B 213 -3.28 18.12 -4.37
C ASN B 213 -3.57 17.73 -2.93
N ASN B 214 -4.51 18.38 -2.26
CA ASN B 214 -4.75 18.13 -0.84
C ASN B 214 -6.02 17.32 -0.60
N VAL B 215 -6.66 16.82 -1.66
CA VAL B 215 -7.89 16.05 -1.50
C VAL B 215 -7.66 14.71 -0.81
N ALA B 216 -6.42 14.26 -0.70
CA ALA B 216 -6.10 12.98 -0.08
C ALA B 216 -5.48 13.15 1.30
N PHE B 217 -5.63 14.33 1.90
CA PHE B 217 -5.05 14.60 3.22
C PHE B 217 -5.84 13.88 4.32
N ILE B 218 -7.12 14.21 4.47
CA ILE B 218 -7.97 13.62 5.49
C ILE B 218 -9.23 13.09 4.84
N GLY B 219 -10.13 12.57 5.67
CA GLY B 219 -11.39 12.06 5.20
C GLY B 219 -11.24 10.71 4.52
N MET B 220 -12.37 10.20 4.04
CA MET B 220 -12.41 8.93 3.33
C MET B 220 -12.76 9.20 1.88
N TYR B 221 -11.87 8.81 0.96
CA TYR B 221 -12.02 9.18 -0.43
C TYR B 221 -11.93 7.97 -1.33
N GLN B 222 -12.71 7.99 -2.40
CA GLN B 222 -12.70 6.98 -3.45
C GLN B 222 -12.56 7.66 -4.80
N THR B 223 -11.68 7.15 -5.64
CA THR B 223 -11.64 7.58 -7.03
C THR B 223 -12.67 6.79 -7.81
N MET B 224 -13.43 7.48 -8.65
CA MET B 224 -14.54 6.88 -9.35
C MET B 224 -14.60 7.38 -10.78
N THR B 225 -15.16 6.55 -11.65
CA THR B 225 -15.46 6.88 -13.03
C THR B 225 -16.94 6.83 -13.34
N LYS B 226 -17.67 5.86 -12.82
CA LYS B 226 -19.11 5.76 -13.04
C LYS B 226 -19.92 5.66 -11.77
N LYS B 227 -19.41 4.97 -10.74
CA LYS B 227 -20.18 4.79 -9.52
C LYS B 227 -19.24 4.77 -8.32
N ALA B 228 -19.75 5.20 -7.17
CA ALA B 228 -19.01 5.14 -5.92
C ALA B 228 -20.00 5.16 -4.76
N ALA B 229 -19.60 4.53 -3.66
CA ALA B 229 -20.42 4.48 -2.45
C ALA B 229 -19.52 4.50 -1.23
N ILE B 230 -19.79 5.42 -0.31
CA ILE B 230 -18.99 5.57 0.91
C ILE B 230 -19.91 5.51 2.12
N THR B 231 -19.57 4.66 3.08
CA THR B 231 -20.36 4.47 4.30
C THR B 231 -19.85 5.37 5.39
N VAL B 232 -20.72 6.22 5.94
CA VAL B 232 -20.37 7.22 6.93
C VAL B 232 -21.10 6.89 8.22
N GLN B 233 -20.39 6.99 9.35
CA GLN B 233 -20.95 6.66 10.66
C GLN B 233 -20.92 7.89 11.56
N ARG B 234 -21.84 7.91 12.53
CA ARG B 234 -21.95 9.07 13.42
C ARG B 234 -20.87 9.08 14.48
N LYS B 235 -20.37 7.91 14.89
CA LYS B 235 -19.35 7.86 15.94
C LYS B 235 -18.07 8.56 15.52
N ASP B 236 -17.80 8.59 14.21
CA ASP B 236 -16.59 9.23 13.70
C ASP B 236 -16.75 10.72 13.48
N PHE B 237 -17.97 11.25 13.58
CA PHE B 237 -18.25 12.66 13.33
C PHE B 237 -19.04 13.23 14.50
N PRO B 238 -18.34 13.75 15.52
CA PRO B 238 -19.05 14.25 16.71
C PRO B 238 -19.94 15.44 16.45
N SER B 239 -19.74 16.17 15.36
CA SER B 239 -20.53 17.37 15.10
C SER B 239 -21.86 17.07 14.42
N ASN B 240 -22.17 15.80 14.17
CA ASN B 240 -23.46 15.39 13.59
C ASN B 240 -23.66 15.96 12.19
N SER B 241 -22.60 15.99 11.41
CA SER B 241 -22.65 16.48 10.03
C SER B 241 -21.31 16.19 9.37
N PHE B 242 -21.31 16.20 8.03
CA PHE B 242 -20.06 16.06 7.31
C PHE B 242 -20.18 16.73 5.95
N TYR B 243 -19.09 16.70 5.18
CA TYR B 243 -19.01 17.29 3.87
C TYR B 243 -18.68 16.23 2.84
N VAL B 244 -19.39 16.25 1.72
CA VAL B 244 -19.10 15.39 0.57
C VAL B 244 -18.48 16.28 -0.50
N VAL B 245 -17.23 16.00 -0.86
CA VAL B 245 -16.45 16.82 -1.78
C VAL B 245 -16.19 16.03 -3.05
N VAL B 246 -16.51 16.64 -4.18
CA VAL B 246 -16.30 16.04 -5.51
C VAL B 246 -15.27 16.89 -6.24
N VAL B 247 -14.27 16.23 -6.81
CA VAL B 247 -13.21 16.87 -7.58
C VAL B 247 -13.03 16.08 -8.87
N VAL B 248 -12.79 16.79 -9.98
CA VAL B 248 -12.60 16.15 -11.28
C VAL B 248 -11.13 16.24 -11.64
N LYS B 249 -10.52 15.10 -11.95
CA LYS B 249 -9.12 15.06 -12.30
C LYS B 249 -8.90 15.63 -13.70
N THR B 250 -7.62 15.72 -14.08
CA THR B 250 -7.23 16.19 -15.39
C THR B 250 -6.89 15.06 -16.35
N GLU B 251 -6.13 14.08 -15.88
CA GLU B 251 -5.77 12.92 -16.68
C GLU B 251 -6.50 11.70 -16.13
N ASP B 252 -7.10 10.91 -17.04
CA ASP B 252 -7.88 9.75 -16.66
C ASP B 252 -7.03 8.50 -16.49
N GLN B 253 -5.74 8.66 -16.23
CA GLN B 253 -4.87 7.48 -16.05
C GLN B 253 -5.23 6.72 -14.79
N ALA B 254 -5.57 7.43 -13.72
CA ALA B 254 -5.90 6.77 -12.46
C ALA B 254 -7.14 5.90 -12.60
N CYS B 255 -8.17 6.39 -13.29
CA CYS B 255 -9.39 5.61 -13.51
C CYS B 255 -9.17 4.44 -14.45
N GLY B 256 -8.07 4.41 -15.20
CA GLY B 256 -7.77 3.31 -16.08
C GLY B 256 -7.85 3.60 -17.56
N GLY B 257 -8.03 4.87 -17.95
CA GLY B 257 -8.11 5.22 -19.34
C GLY B 257 -6.75 5.30 -20.01
N SER B 258 -6.78 5.65 -21.29
CA SER B 258 -5.58 5.81 -22.09
C SER B 258 -5.27 7.29 -22.23
N LEU B 259 -4.07 7.68 -21.84
CA LEU B 259 -3.69 9.09 -21.88
C LEU B 259 -3.64 9.59 -23.32
N PRO B 260 -4.04 10.83 -23.57
CA PRO B 260 -3.93 11.37 -24.93
C PRO B 260 -2.49 11.59 -25.34
N PHE B 261 -2.23 11.41 -26.63
CA PHE B 261 -0.87 11.55 -27.16
C PHE B 261 -0.67 12.95 -27.75
N TYR B 262 -0.82 13.95 -26.88
CA TYR B 262 -0.53 15.32 -27.27
C TYR B 262 0.98 15.52 -27.40
N PRO B 263 1.42 16.51 -28.18
CA PRO B 263 2.86 16.76 -28.30
C PRO B 263 3.48 17.12 -26.95
N PHE B 264 4.72 16.66 -26.76
CA PHE B 264 5.44 16.85 -25.49
C PHE B 264 5.92 18.30 -25.41
N ALA B 265 5.03 19.16 -24.95
CA ALA B 265 5.33 20.58 -24.76
C ALA B 265 5.65 20.80 -23.28
N GLU B 266 6.90 21.16 -23.00
CA GLU B 266 7.33 21.31 -21.61
C GLU B 266 6.75 22.56 -20.97
N ASP B 267 6.75 23.68 -21.68
CA ASP B 267 6.33 24.96 -21.12
C ASP B 267 5.16 25.57 -21.89
N GLU B 268 4.41 24.76 -22.63
CA GLU B 268 3.25 25.24 -23.37
C GLU B 268 2.00 24.56 -22.86
N PRO B 269 1.06 25.28 -22.23
CA PRO B 269 -0.14 24.64 -21.69
C PRO B 269 -1.15 24.39 -22.80
N VAL B 270 -1.76 23.20 -22.77
CA VAL B 270 -2.75 22.80 -23.76
C VAL B 270 -4.12 22.75 -23.09
N ASP B 271 -5.10 23.36 -23.75
CA ASP B 271 -6.47 23.33 -23.25
C ASP B 271 -7.08 21.96 -23.50
N GLN B 272 -7.91 21.51 -22.57
CA GLN B 272 -8.55 20.22 -22.67
C GLN B 272 -9.91 20.28 -23.36
N GLY B 273 -10.32 21.45 -23.85
CA GLY B 273 -11.61 21.59 -24.49
C GLY B 273 -12.74 21.71 -23.49
N HIS B 274 -13.82 20.97 -23.72
CA HIS B 274 -14.95 20.92 -22.80
C HIS B 274 -14.93 19.54 -22.16
N ARG B 275 -14.42 19.47 -20.94
CA ARG B 275 -14.46 18.25 -20.13
C ARG B 275 -15.32 18.53 -18.91
N GLN B 276 -16.32 17.68 -18.69
CA GLN B 276 -17.28 17.89 -17.62
C GLN B 276 -17.80 16.54 -17.14
N LYS B 277 -18.28 16.52 -15.91
CA LYS B 277 -18.87 15.31 -15.34
C LYS B 277 -20.19 15.66 -14.67
N THR B 278 -21.25 14.97 -15.09
CA THR B 278 -22.56 15.12 -14.47
C THR B 278 -22.76 13.97 -13.50
N LEU B 279 -23.01 14.31 -12.23
CA LEU B 279 -23.07 13.33 -11.17
C LEU B 279 -24.38 13.46 -10.41
N SER B 280 -24.94 12.33 -10.02
CA SER B 280 -26.15 12.28 -9.20
C SER B 280 -25.79 11.64 -7.86
N VAL B 281 -26.06 12.35 -6.77
CA VAL B 281 -25.68 11.93 -5.43
C VAL B 281 -26.95 11.71 -4.61
N LEU B 282 -26.95 10.64 -3.81
CA LEU B 282 -28.06 10.31 -2.93
C LEU B 282 -27.51 9.73 -1.64
N VAL B 283 -27.96 10.28 -0.51
CA VAL B 283 -27.56 9.81 0.81
C VAL B 283 -28.73 9.04 1.41
N SER B 284 -28.50 7.76 1.70
CA SER B 284 -29.57 6.89 2.16
C SER B 284 -29.16 6.20 3.45
N GLN B 285 -30.11 6.11 4.38
CA GLN B 285 -29.82 5.47 5.69
C GLN B 285 -29.40 4.02 5.42
N ALA B 286 -28.53 3.49 6.25
CA ALA B 286 -28.05 2.10 6.06
C ALA B 286 -29.00 1.16 6.81
N VAL B 287 -28.71 -0.14 6.78
CA VAL B 287 -29.60 -1.14 7.44
C VAL B 287 -29.54 -0.95 8.95
N THR B 288 -30.64 -1.22 9.65
CA THR B 288 -30.66 -1.13 11.13
C THR B 288 -30.05 -2.42 11.71
N SER B 289 -30.21 -2.63 13.01
CA SER B 289 -29.64 -3.84 13.66
C SER B 289 -30.46 -5.09 13.28
N GLU B 290 -31.73 -4.89 12.92
CA GLU B 290 -32.60 -6.05 12.58
C GLU B 290 -32.01 -6.78 11.39
N ALA B 291 -31.52 -6.04 10.40
CA ALA B 291 -30.98 -6.67 9.18
C ALA B 291 -29.92 -7.69 9.58
N TYR B 292 -29.05 -7.32 10.53
CA TYR B 292 -28.00 -8.25 11.01
C TYR B 292 -28.69 -9.42 11.72
N VAL B 293 -29.68 -9.14 12.58
CA VAL B 293 -30.28 -10.27 13.31
C VAL B 293 -30.98 -11.23 12.34
N SER B 294 -31.75 -10.71 11.39
CA SER B 294 -32.43 -11.53 10.38
C SER B 294 -31.44 -12.30 9.51
N GLY B 295 -30.35 -11.64 9.06
CA GLY B 295 -29.28 -12.27 8.29
C GLY B 295 -28.56 -13.38 9.06
N MET B 296 -28.22 -13.16 10.34
CA MET B 296 -27.62 -14.17 11.21
C MET B 296 -28.55 -15.37 11.46
N LEU B 297 -29.82 -15.11 11.81
CA LEU B 297 -30.81 -16.15 12.04
C LEU B 297 -31.10 -16.96 10.77
N PHE B 298 -31.15 -16.30 9.62
CA PHE B 298 -31.33 -16.95 8.32
C PHE B 298 -30.17 -17.89 7.99
N CYS B 299 -28.93 -17.41 8.09
CA CYS B 299 -27.73 -18.21 7.85
C CYS B 299 -27.66 -19.43 8.79
N LEU B 300 -27.81 -19.21 10.10
CA LEU B 300 -27.82 -20.30 11.09
C LEU B 300 -28.98 -21.26 10.87
N GLY B 301 -30.18 -20.75 10.57
CA GLY B 301 -31.38 -21.55 10.33
C GLY B 301 -31.22 -22.51 9.15
N ILE B 302 -30.67 -22.05 8.03
CA ILE B 302 -30.38 -22.90 6.86
C ILE B 302 -29.44 -24.02 7.24
N PHE B 303 -28.28 -23.72 7.83
CA PHE B 303 -27.27 -24.76 8.06
C PHE B 303 -27.64 -25.70 9.22
N LEU B 304 -28.25 -25.19 10.30
CA LEU B 304 -28.76 -26.04 11.38
C LEU B 304 -29.87 -26.98 10.91
N SER B 305 -30.64 -26.63 9.87
CA SER B 305 -31.62 -27.55 9.29
C SER B 305 -30.99 -28.84 8.77
N PHE B 306 -29.77 -28.80 8.22
CA PHE B 306 -29.03 -30.00 7.79
C PHE B 306 -28.61 -30.86 8.98
N TYR B 307 -28.20 -30.25 10.09
CA TYR B 307 -27.91 -30.98 11.33
C TYR B 307 -29.17 -31.66 11.86
N LEU B 308 -30.30 -30.96 11.92
CA LEU B 308 -31.58 -31.54 12.33
C LEU B 308 -31.98 -32.70 11.39
N LEU B 309 -31.87 -32.51 10.08
CA LEU B 309 -32.18 -33.55 9.09
C LEU B 309 -31.31 -34.79 9.28
N THR B 310 -29.99 -34.63 9.48
CA THR B 310 -29.09 -35.78 9.71
C THR B 310 -29.39 -36.52 11.01
N VAL B 311 -29.73 -35.81 12.09
CA VAL B 311 -30.17 -36.42 13.36
C VAL B 311 -31.49 -37.18 13.16
N LEU B 312 -32.46 -36.59 12.46
CA LEU B 312 -33.74 -37.25 12.15
C LEU B 312 -33.53 -38.52 11.32
N LEU B 313 -32.66 -38.48 10.31
CA LEU B 313 -32.30 -39.65 9.49
C LEU B 313 -31.59 -40.72 10.34
N ALA B 314 -30.65 -40.35 11.20
CA ALA B 314 -29.98 -41.28 12.10
C ALA B 314 -30.95 -41.93 13.10
N CYS B 315 -31.88 -41.15 13.67
CA CYS B 315 -32.96 -41.65 14.52
C CYS B 315 -33.89 -42.60 13.77
N TRP B 316 -34.26 -42.27 12.53
CA TRP B 316 -35.05 -43.14 11.66
C TRP B 316 -34.32 -44.46 11.43
N ALA B 460 -1.29 -19.67 3.74
CA ALA B 460 -2.47 -18.85 3.97
C ALA B 460 -2.20 -17.80 5.05
N LEU B 461 -1.31 -18.14 5.99
CA LEU B 461 -0.97 -17.20 7.05
C LEU B 461 -0.38 -15.90 6.54
N PRO B 462 0.60 -15.88 5.62
CA PRO B 462 1.07 -14.59 5.08
C PRO B 462 -0.05 -13.81 4.40
N VAL B 463 -0.98 -14.50 3.74
CA VAL B 463 -2.14 -13.82 3.17
C VAL B 463 -2.95 -13.16 4.29
N VAL B 464 -3.10 -13.84 5.43
CA VAL B 464 -3.83 -13.26 6.56
C VAL B 464 -3.14 -12.00 7.05
N GLN B 465 -1.81 -12.05 7.19
CA GLN B 465 -1.08 -10.87 7.66
C GLN B 465 -1.21 -9.72 6.67
N LEU B 466 -1.08 -10.00 5.37
CA LEU B 466 -1.23 -8.95 4.36
C LEU B 466 -2.62 -8.35 4.40
N VAL B 467 -3.65 -9.20 4.55
CA VAL B 467 -5.03 -8.70 4.58
C VAL B 467 -5.25 -7.81 5.80
N ILE B 468 -4.73 -8.24 6.96
CA ILE B 468 -4.89 -7.45 8.17
C ILE B 468 -4.18 -6.10 8.03
N THR B 469 -2.96 -6.11 7.50
CA THR B 469 -2.24 -4.86 7.31
C THR B 469 -2.97 -3.93 6.35
N TYR B 470 -3.49 -4.48 5.25
CA TYR B 470 -4.21 -3.65 4.28
C TYR B 470 -5.50 -3.10 4.87
N GLN B 471 -6.21 -3.90 5.67
CA GLN B 471 -7.43 -3.40 6.29
C GLN B 471 -7.14 -2.30 7.28
N THR B 472 -6.07 -2.43 8.07
CA THR B 472 -5.67 -1.35 8.97
C THR B 472 -5.28 -0.11 8.19
N VAL B 473 -4.58 -0.29 7.06
CA VAL B 473 -4.18 0.84 6.23
C VAL B 473 -5.39 1.56 5.70
N VAL B 474 -6.40 0.81 5.25
CA VAL B 474 -7.65 1.41 4.78
C VAL B 474 -8.33 2.16 5.92
N ASN B 475 -8.37 1.55 7.11
CA ASN B 475 -9.11 2.13 8.22
C ASN B 475 -8.48 3.43 8.71
N VAL B 476 -7.15 3.50 8.74
CA VAL B 476 -6.46 4.65 9.31
C VAL B 476 -6.13 5.70 8.25
N THR B 477 -5.88 5.28 7.01
CA THR B 477 -5.47 6.22 5.97
C THR B 477 -6.66 7.01 5.44
N GLY B 478 -7.82 6.37 5.32
CA GLY B 478 -8.95 6.96 4.64
C GLY B 478 -8.98 6.67 3.16
N ASN B 479 -7.96 6.03 2.61
CA ASN B 479 -7.96 5.63 1.21
C ASN B 479 -8.75 4.36 1.04
N GLN B 480 -9.80 4.42 0.23
CA GLN B 480 -10.68 3.28 -0.01
C GLN B 480 -10.44 2.63 -1.37
N ASP B 481 -9.29 2.86 -1.96
CA ASP B 481 -8.92 2.26 -3.24
C ASP B 481 -8.13 0.98 -3.09
N ILE B 482 -7.86 0.54 -1.87
CA ILE B 482 -7.00 -0.62 -1.64
C ILE B 482 -7.78 -1.92 -1.81
N CYS B 483 -8.92 -2.03 -1.13
CA CYS B 483 -9.72 -3.25 -1.15
C CYS B 483 -10.84 -3.14 -2.17
N TYR B 484 -11.14 -4.25 -2.83
CA TYR B 484 -12.19 -4.30 -3.86
C TYR B 484 -13.48 -4.87 -3.28
N TYR B 485 -14.08 -4.16 -2.33
CA TYR B 485 -15.34 -4.61 -1.78
C TYR B 485 -16.48 -4.38 -2.76
N ASN B 486 -17.64 -4.92 -2.42
CA ASN B 486 -18.90 -4.56 -3.08
C ASN B 486 -19.50 -3.40 -2.31
N PHE B 487 -19.03 -2.18 -2.60
CA PHE B 487 -19.34 -1.03 -1.76
C PHE B 487 -20.82 -0.69 -1.71
N LEU B 488 -21.62 -1.19 -2.65
CA LEU B 488 -23.05 -0.94 -2.60
C LEU B 488 -23.75 -1.82 -1.57
N CYS B 489 -23.30 -3.05 -1.40
CA CYS B 489 -23.87 -3.98 -0.42
C CYS B 489 -22.71 -4.55 0.38
N ALA B 490 -22.29 -3.81 1.41
CA ALA B 490 -21.20 -4.24 2.29
C ALA B 490 -21.44 -3.55 3.63
N HIS B 491 -21.92 -4.31 4.61
CA HIS B 491 -22.35 -3.73 5.88
C HIS B 491 -21.30 -3.98 6.95
N PRO B 492 -20.72 -2.95 7.53
CA PRO B 492 -19.64 -3.13 8.50
C PRO B 492 -20.13 -3.49 9.89
N LEU B 493 -19.19 -3.94 10.72
CA LEU B 493 -19.43 -4.18 12.14
C LEU B 493 -18.08 -4.18 12.83
N GLY B 494 -17.93 -3.37 13.87
CA GLY B 494 -16.63 -3.24 14.50
C GLY B 494 -15.66 -2.56 13.55
N ASN B 495 -14.46 -3.13 13.45
CA ASN B 495 -13.46 -2.64 12.51
C ASN B 495 -13.57 -3.30 11.13
N LEU B 496 -14.35 -4.37 11.01
CA LEU B 496 -14.53 -5.03 9.73
C LEU B 496 -15.42 -4.19 8.83
N SER B 497 -15.01 -4.03 7.57
CA SER B 497 -15.69 -3.13 6.66
C SER B 497 -16.81 -3.80 5.86
N ALA B 498 -16.73 -5.11 5.66
CA ALA B 498 -17.78 -5.85 4.96
C ALA B 498 -18.06 -7.12 5.77
N PHE B 499 -18.96 -7.02 6.74
CA PHE B 499 -19.21 -8.14 7.65
C PHE B 499 -20.04 -9.24 7.00
N ASN B 500 -20.94 -8.89 6.09
CA ASN B 500 -21.76 -9.90 5.43
C ASN B 500 -20.90 -10.83 4.57
N ASN B 501 -19.88 -10.28 3.90
CA ASN B 501 -19.00 -11.10 3.09
C ASN B 501 -18.24 -12.12 3.94
N ILE B 502 -17.85 -11.75 5.15
CA ILE B 502 -17.23 -12.71 6.05
C ILE B 502 -18.24 -13.72 6.54
N LEU B 503 -19.42 -13.26 6.96
CA LEU B 503 -20.42 -14.15 7.52
C LEU B 503 -20.91 -15.19 6.52
N SER B 504 -20.88 -14.87 5.23
CA SER B 504 -21.41 -15.78 4.22
C SER B 504 -20.65 -17.09 4.14
N ASN B 505 -19.44 -17.17 4.70
CA ASN B 505 -18.66 -18.40 4.66
C ASN B 505 -18.93 -19.32 5.84
N LEU B 506 -19.84 -18.95 6.73
CA LEU B 506 -20.12 -19.76 7.91
C LEU B 506 -20.70 -21.11 7.51
N GLY B 507 -21.39 -21.15 6.36
CA GLY B 507 -21.92 -22.41 5.87
C GLY B 507 -20.86 -23.43 5.55
N TYR B 508 -19.71 -22.96 5.02
CA TYR B 508 -18.59 -23.86 4.81
C TYR B 508 -18.25 -24.60 6.09
N ILE B 509 -18.07 -23.85 7.18
CA ILE B 509 -17.70 -24.47 8.46
C ILE B 509 -18.77 -25.47 8.89
N LEU B 510 -20.03 -25.03 8.99
CA LEU B 510 -21.06 -25.91 9.53
C LEU B 510 -21.25 -27.15 8.66
N LEU B 511 -21.27 -26.99 7.34
CA LEU B 511 -21.60 -28.11 6.48
C LEU B 511 -20.43 -29.09 6.36
N GLY B 512 -19.20 -28.56 6.29
CA GLY B 512 -18.04 -29.45 6.33
C GLY B 512 -17.96 -30.21 7.64
N LEU B 513 -18.36 -29.58 8.75
CA LEU B 513 -18.32 -30.28 10.03
C LEU B 513 -19.44 -31.32 10.11
N LEU B 514 -20.59 -31.04 9.49
CA LEU B 514 -21.64 -32.05 9.37
C LEU B 514 -21.17 -33.26 8.58
N PHE B 515 -20.38 -33.05 7.53
CA PHE B 515 -19.80 -34.19 6.82
C PHE B 515 -18.94 -35.05 7.74
N LEU B 516 -18.13 -34.44 8.60
CA LEU B 516 -17.35 -35.21 9.55
C LEU B 516 -18.25 -36.00 10.49
N LEU B 517 -19.33 -35.38 10.98
CA LEU B 517 -20.27 -36.12 11.81
C LEU B 517 -20.84 -37.34 11.09
N ILE B 518 -21.32 -37.15 9.85
CA ILE B 518 -22.01 -38.24 9.18
C ILE B 518 -21.04 -39.37 8.86
N ILE B 519 -19.81 -39.04 8.44
CA ILE B 519 -18.89 -40.13 8.16
C ILE B 519 -18.39 -40.79 9.44
N LEU B 520 -18.28 -40.05 10.55
CA LEU B 520 -17.92 -40.70 11.80
C LEU B 520 -19.00 -41.68 12.22
N GLN B 521 -20.27 -41.30 12.06
CA GLN B 521 -21.37 -42.21 12.37
C GLN B 521 -21.31 -43.45 11.48
N ARG B 522 -21.07 -43.25 10.17
CA ARG B 522 -20.98 -44.39 9.26
C ARG B 522 -19.83 -45.31 9.64
N GLU B 523 -18.66 -44.75 9.98
CA GLU B 523 -17.51 -45.55 10.32
C GLU B 523 -17.71 -46.33 11.62
N ILE B 524 -18.28 -45.69 12.64
CA ILE B 524 -18.51 -46.41 13.89
C ILE B 524 -19.56 -47.49 13.70
N ASN B 525 -20.58 -47.25 12.86
CA ASN B 525 -21.54 -48.29 12.55
C ASN B 525 -20.87 -49.47 11.85
N HIS B 526 -19.98 -49.19 10.89
CA HIS B 526 -19.28 -50.26 10.20
C HIS B 526 -18.41 -51.06 11.14
N ASN B 527 -17.70 -50.38 12.04
CA ASN B 527 -16.84 -51.07 13.00
C ASN B 527 -17.66 -51.93 13.96
N ARG B 528 -18.80 -51.41 14.43
CA ARG B 528 -19.65 -52.20 15.31
C ARG B 528 -20.21 -53.43 14.59
N ALA B 529 -20.60 -53.26 13.33
CA ALA B 529 -21.11 -54.39 12.56
C ALA B 529 -20.02 -55.45 12.34
N LEU B 530 -18.79 -55.01 12.06
CA LEU B 530 -17.71 -55.97 11.80
C LEU B 530 -17.33 -56.76 13.05
N LEU B 531 -17.51 -56.17 14.24
CA LEU B 531 -17.18 -56.84 15.48
C LEU B 531 -18.06 -58.06 15.70
N PHE B 546 -11.31 -44.20 3.96
CA PHE B 546 -12.16 -43.18 4.55
C PHE B 546 -11.38 -41.90 4.83
N GLY B 547 -10.06 -41.99 4.70
CA GLY B 547 -9.23 -40.82 4.95
C GLY B 547 -9.42 -39.72 3.93
N LEU B 548 -9.62 -40.08 2.67
CA LEU B 548 -9.81 -39.09 1.62
C LEU B 548 -11.04 -38.23 1.86
N PHE B 549 -12.13 -38.83 2.31
CA PHE B 549 -13.33 -38.07 2.63
C PHE B 549 -13.06 -37.09 3.78
N TYR B 550 -12.28 -37.52 4.78
CA TYR B 550 -11.88 -36.60 5.84
C TYR B 550 -11.04 -35.46 5.28
N ALA B 551 -10.17 -35.74 4.31
CA ALA B 551 -9.37 -34.68 3.70
C ALA B 551 -10.26 -33.67 2.99
N MET B 552 -11.27 -34.14 2.26
CA MET B 552 -12.20 -33.21 1.62
C MET B 552 -12.98 -32.41 2.65
N GLY B 553 -13.42 -33.05 3.74
CA GLY B 553 -14.13 -32.30 4.77
C GLY B 553 -13.27 -31.22 5.39
N THR B 554 -12.01 -31.54 5.68
CA THR B 554 -11.09 -30.54 6.20
C THR B 554 -10.80 -29.43 5.20
N ALA B 555 -10.72 -29.76 3.90
CA ALA B 555 -10.58 -28.71 2.89
C ALA B 555 -11.79 -27.79 2.87
N LEU B 556 -12.99 -28.36 2.98
CA LEU B 556 -14.19 -27.55 3.07
C LEU B 556 -14.15 -26.64 4.29
N MET B 557 -13.73 -27.16 5.44
CA MET B 557 -13.59 -26.32 6.62
C MET B 557 -12.56 -25.21 6.42
N MET B 558 -11.42 -25.52 5.80
CA MET B 558 -10.39 -24.54 5.51
C MET B 558 -10.86 -23.46 4.55
N GLU B 559 -11.81 -23.77 3.67
CA GLU B 559 -12.43 -22.73 2.86
C GLU B 559 -13.06 -21.65 3.73
N GLY B 560 -13.82 -22.07 4.74
CA GLY B 560 -14.52 -21.14 5.62
C GLY B 560 -13.61 -20.20 6.38
N LEU B 561 -12.31 -20.49 6.44
CA LEU B 561 -11.34 -19.60 7.04
C LEU B 561 -10.59 -18.80 5.98
N LEU B 562 -10.07 -19.47 4.95
CA LEU B 562 -9.23 -18.80 3.96
C LEU B 562 -10.05 -17.82 3.12
N SER B 563 -11.18 -18.26 2.59
CA SER B 563 -12.02 -17.37 1.82
C SER B 563 -12.60 -16.25 2.66
N ALA B 564 -12.93 -16.53 3.92
CA ALA B 564 -13.41 -15.47 4.81
C ALA B 564 -12.34 -14.41 5.05
N CYS B 565 -11.09 -14.84 5.28
CA CYS B 565 -10.01 -13.88 5.48
C CYS B 565 -9.69 -13.12 4.21
N TYR B 566 -9.87 -13.76 3.05
CA TYR B 566 -9.65 -13.04 1.80
C TYR B 566 -10.64 -11.89 1.63
N HIS B 567 -11.91 -12.13 1.98
CA HIS B 567 -12.95 -11.13 1.77
C HIS B 567 -12.85 -9.94 2.72
N VAL B 568 -11.99 -10.02 3.73
CA VAL B 568 -11.74 -8.87 4.59
C VAL B 568 -11.12 -7.72 3.79
N CYS B 569 -10.33 -8.04 2.75
CA CYS B 569 -9.82 -7.06 1.83
C CYS B 569 -9.44 -7.72 0.51
N PRO B 570 -10.40 -7.94 -0.39
CA PRO B 570 -10.06 -8.53 -1.69
C PRO B 570 -9.11 -7.62 -2.49
N ASN B 571 -8.16 -8.24 -3.16
CA ASN B 571 -7.20 -7.51 -3.98
C ASN B 571 -6.51 -8.48 -4.92
N TYR B 572 -5.85 -7.93 -5.95
CA TYR B 572 -5.13 -8.79 -6.89
C TYR B 572 -3.95 -9.48 -6.22
N THR B 573 -3.41 -8.90 -5.15
CA THR B 573 -2.27 -9.49 -4.47
C THR B 573 -2.63 -10.81 -3.79
N ASN B 574 -3.81 -10.86 -3.17
CA ASN B 574 -4.22 -12.06 -2.40
C ASN B 574 -5.53 -12.66 -2.92
N PHE B 575 -5.71 -12.73 -4.24
CA PHE B 575 -6.99 -13.24 -4.80
C PHE B 575 -6.95 -14.74 -5.00
N GLN B 576 -5.78 -15.28 -5.37
CA GLN B 576 -5.69 -16.73 -5.73
C GLN B 576 -6.41 -17.61 -4.71
N PHE B 577 -6.21 -17.39 -3.41
CA PHE B 577 -6.76 -18.28 -2.36
C PHE B 577 -8.30 -18.29 -2.33
N ASP B 578 -8.94 -17.26 -2.89
CA ASP B 578 -10.43 -17.18 -2.83
C ASP B 578 -11.03 -18.33 -3.63
N THR B 579 -10.40 -18.75 -4.73
CA THR B 579 -10.99 -19.81 -5.58
C THR B 579 -10.00 -20.96 -5.75
N SER B 580 -8.72 -20.76 -5.39
CA SER B 580 -7.71 -21.81 -5.67
C SER B 580 -8.08 -23.10 -4.95
N PHE B 581 -8.19 -23.05 -3.63
CA PHE B 581 -8.42 -24.30 -2.87
C PHE B 581 -9.69 -24.96 -3.42
N MET B 582 -10.63 -24.15 -3.92
CA MET B 582 -11.87 -24.73 -4.49
C MET B 582 -11.49 -25.70 -5.61
N TYR B 583 -10.62 -25.28 -6.53
CA TYR B 583 -10.16 -26.19 -7.61
C TYR B 583 -9.51 -27.41 -6.96
N MET B 584 -8.72 -27.18 -5.92
CA MET B 584 -8.05 -28.25 -5.20
C MET B 584 -9.06 -29.27 -4.67
N ILE B 585 -10.15 -28.79 -4.07
CA ILE B 585 -11.17 -29.70 -3.59
C ILE B 585 -11.71 -30.55 -4.73
N ALA B 586 -11.97 -29.91 -5.88
CA ALA B 586 -12.43 -30.65 -7.05
C ALA B 586 -11.48 -31.80 -7.36
N GLY B 587 -10.18 -31.54 -7.26
CA GLY B 587 -9.21 -32.60 -7.53
C GLY B 587 -9.44 -33.81 -6.65
N LEU B 588 -9.68 -33.59 -5.35
CA LEU B 588 -9.94 -34.72 -4.46
C LEU B 588 -11.11 -35.53 -4.97
N CYS B 589 -12.19 -34.86 -5.39
CA CYS B 589 -13.32 -35.57 -5.97
C CYS B 589 -12.85 -36.43 -7.13
N MET B 590 -12.12 -35.83 -8.06
CA MET B 590 -11.62 -36.58 -9.20
C MET B 590 -10.80 -37.77 -8.74
N LEU B 591 -9.99 -37.58 -7.69
CA LEU B 591 -9.17 -38.68 -7.20
C LEU B 591 -10.03 -39.83 -6.72
N LYS B 592 -11.12 -39.52 -6.01
CA LYS B 592 -11.98 -40.60 -5.52
C LYS B 592 -12.75 -41.22 -6.67
N LEU B 593 -12.87 -40.51 -7.80
CA LEU B 593 -13.41 -41.14 -8.99
C LEU B 593 -12.37 -42.02 -9.65
N TYR B 594 -11.09 -41.65 -9.54
CA TYR B 594 -10.01 -42.46 -10.12
C TYR B 594 -9.71 -43.70 -9.28
N GLN B 595 -10.10 -43.70 -8.00
CA GLN B 595 -9.83 -44.83 -7.12
C GLN B 595 -11.02 -45.79 -7.08
N ALA B 608 -2.41 -38.32 -4.45
CA ALA B 608 -3.19 -37.54 -3.50
C ALA B 608 -2.51 -36.19 -3.23
N TYR B 609 -1.53 -36.19 -2.33
CA TYR B 609 -0.83 -34.96 -2.00
C TYR B 609 -0.01 -34.46 -3.18
N ALA B 610 0.55 -35.37 -3.97
CA ALA B 610 1.33 -34.95 -5.13
C ALA B 610 0.46 -34.26 -6.18
N CYS B 611 -0.68 -34.87 -6.53
CA CYS B 611 -1.58 -34.25 -7.48
C CYS B 611 -2.15 -32.95 -6.94
N LEU B 612 -2.42 -32.90 -5.64
CA LEU B 612 -2.88 -31.66 -5.02
C LEU B 612 -1.86 -30.55 -5.14
N ALA B 613 -0.59 -30.86 -4.86
CA ALA B 613 0.47 -29.87 -4.99
C ALA B 613 0.62 -29.43 -6.44
N ILE B 614 0.53 -30.38 -7.38
CA ILE B 614 0.62 -30.03 -8.80
C ILE B 614 -0.51 -29.07 -9.17
N VAL B 615 -1.73 -29.34 -8.69
CA VAL B 615 -2.87 -28.47 -8.98
C VAL B 615 -2.64 -27.09 -8.38
N ILE B 616 -2.14 -27.03 -7.15
CA ILE B 616 -1.91 -25.75 -6.48
C ILE B 616 -0.87 -24.93 -7.26
N PHE B 617 0.24 -25.56 -7.63
CA PHE B 617 1.28 -24.84 -8.36
C PHE B 617 0.84 -24.43 -9.75
N PHE B 618 0.05 -25.27 -10.44
CA PHE B 618 -0.47 -24.87 -11.73
C PHE B 618 -1.44 -23.70 -11.61
N SER B 619 -2.27 -23.70 -10.55
CA SER B 619 -3.15 -22.57 -10.31
C SER B 619 -2.35 -21.29 -10.06
N VAL B 620 -1.26 -21.40 -9.28
CA VAL B 620 -0.41 -20.25 -9.04
C VAL B 620 0.20 -19.74 -10.34
N LEU B 621 0.68 -20.65 -11.18
CA LEU B 621 1.31 -20.26 -12.44
C LEU B 621 0.28 -19.57 -13.34
N GLY B 622 -0.92 -20.15 -13.43
CA GLY B 622 -1.95 -19.56 -14.28
C GLY B 622 -2.44 -18.22 -13.78
N VAL B 623 -2.50 -18.05 -12.46
CA VAL B 623 -3.02 -16.82 -11.89
C VAL B 623 -1.93 -15.78 -11.64
N VAL B 624 -0.67 -16.09 -11.94
CA VAL B 624 0.36 -15.06 -11.95
C VAL B 624 -0.02 -13.95 -12.91
N PHE B 625 -0.56 -14.31 -14.08
CA PHE B 625 -1.13 -13.35 -15.03
C PHE B 625 -2.64 -13.27 -14.88
N ASN B 629 -3.61 -10.43 -23.47
CA ASN B 629 -2.74 -11.59 -23.42
C ASN B 629 -3.20 -12.65 -24.41
N THR B 630 -3.14 -12.30 -25.70
CA THR B 630 -3.59 -13.22 -26.74
C THR B 630 -2.72 -14.46 -26.81
N ALA B 631 -1.41 -14.29 -26.57
CA ALA B 631 -0.52 -15.46 -26.54
C ALA B 631 -0.95 -16.43 -25.45
N PHE B 632 -1.32 -15.92 -24.28
CA PHE B 632 -1.93 -16.77 -23.27
C PHE B 632 -3.25 -17.34 -23.75
N TRP B 633 -4.07 -16.54 -24.43
CA TRP B 633 -5.37 -17.00 -24.90
C TRP B 633 -5.25 -18.19 -25.85
N ILE B 634 -4.12 -18.30 -26.55
CA ILE B 634 -3.89 -19.41 -27.48
C ILE B 634 -3.18 -20.58 -26.80
N VAL B 635 -2.13 -20.28 -26.03
CA VAL B 635 -1.35 -21.33 -25.37
C VAL B 635 -2.21 -22.06 -24.34
N PHE B 636 -3.09 -21.33 -23.65
CA PHE B 636 -4.00 -21.94 -22.69
C PHE B 636 -4.93 -22.94 -23.36
N SER B 637 -5.47 -22.57 -24.53
CA SER B 637 -6.33 -23.49 -25.26
C SER B 637 -5.57 -24.72 -25.73
N ILE B 638 -4.34 -24.52 -26.23
CA ILE B 638 -3.53 -25.65 -26.68
C ILE B 638 -3.25 -26.59 -25.52
N ILE B 639 -2.86 -26.04 -24.37
CA ILE B 639 -2.56 -26.86 -23.21
C ILE B 639 -3.82 -27.57 -22.71
N HIS B 640 -4.96 -26.90 -22.78
CA HIS B 640 -6.22 -27.53 -22.40
C HIS B 640 -6.52 -28.73 -23.28
N ILE B 641 -6.35 -28.57 -24.60
CA ILE B 641 -6.60 -29.68 -25.51
C ILE B 641 -5.65 -30.84 -25.24
N ILE B 642 -4.36 -30.54 -25.05
CA ILE B 642 -3.38 -31.59 -24.82
C ILE B 642 -3.66 -32.32 -23.51
N ALA B 643 -3.98 -31.56 -22.45
CA ALA B 643 -4.25 -32.16 -21.15
C ALA B 643 -5.51 -33.01 -21.20
N THR B 644 -6.55 -32.55 -21.89
CA THR B 644 -7.76 -33.35 -22.01
C THR B 644 -7.50 -34.65 -22.76
N LEU B 645 -6.72 -34.58 -23.85
CA LEU B 645 -6.39 -35.79 -24.60
C LEU B 645 -5.59 -36.77 -23.75
N LEU B 646 -4.61 -36.26 -23.00
CA LEU B 646 -3.80 -37.14 -22.16
C LEU B 646 -4.63 -37.75 -21.04
N LEU B 647 -5.53 -36.97 -20.44
CA LEU B 647 -6.40 -37.49 -19.39
C LEU B 647 -7.33 -38.56 -19.93
N SER B 648 -7.87 -38.36 -21.13
CA SER B 648 -8.70 -39.38 -21.75
C SER B 648 -7.89 -40.63 -22.06
N THR B 649 -6.65 -40.46 -22.52
CA THR B 649 -5.81 -41.62 -22.82
C THR B 649 -5.48 -42.43 -21.57
N GLN B 650 -5.18 -41.75 -20.46
CA GLN B 650 -4.86 -42.46 -19.23
C GLN B 650 -6.05 -43.24 -18.70
N LEU B 651 -7.25 -42.68 -18.85
CA LEU B 651 -8.47 -43.37 -18.45
C LEU B 651 -8.72 -44.58 -19.34
N VAL B 685 -15.06 -49.30 -27.06
CA VAL B 685 -15.87 -48.56 -28.02
C VAL B 685 -16.63 -47.44 -27.33
N ASP B 686 -17.35 -47.79 -26.26
CA ASP B 686 -18.09 -46.79 -25.51
C ASP B 686 -17.16 -45.74 -24.91
N ARG B 687 -16.05 -46.18 -24.33
CA ARG B 687 -15.12 -45.25 -23.68
C ARG B 687 -14.51 -44.28 -24.69
N MET B 688 -14.09 -44.79 -25.85
CA MET B 688 -13.39 -43.93 -26.81
C MET B 688 -14.35 -42.88 -27.39
N VAL B 689 -15.57 -43.29 -27.77
CA VAL B 689 -16.55 -42.34 -28.28
C VAL B 689 -16.94 -41.35 -27.19
N LEU B 690 -17.09 -41.84 -25.95
CA LEU B 690 -17.47 -41.00 -24.83
C LEU B 690 -16.42 -39.92 -24.58
N LEU B 691 -15.14 -40.30 -24.57
CA LEU B 691 -14.07 -39.34 -24.39
C LEU B 691 -13.93 -38.41 -25.59
N VAL B 692 -14.25 -38.89 -26.79
CA VAL B 692 -14.23 -38.02 -27.96
C VAL B 692 -15.28 -36.92 -27.81
N MET B 693 -16.49 -37.29 -27.39
CA MET B 693 -17.53 -36.27 -27.16
C MET B 693 -17.13 -35.30 -26.05
N GLY B 694 -16.53 -35.83 -24.98
CA GLY B 694 -16.06 -34.95 -23.92
C GLY B 694 -15.02 -33.96 -24.42
N ASN B 695 -14.05 -34.44 -25.20
CA ASN B 695 -13.03 -33.55 -25.77
C ASN B 695 -13.64 -32.54 -26.72
N VAL B 696 -14.65 -32.96 -27.49
CA VAL B 696 -15.29 -32.06 -28.45
C VAL B 696 -15.98 -30.90 -27.72
N ILE B 697 -16.76 -31.24 -26.68
CA ILE B 697 -17.43 -30.16 -25.94
C ILE B 697 -16.41 -29.33 -25.17
N ASN B 698 -15.32 -29.93 -24.70
CA ASN B 698 -14.29 -29.14 -24.03
C ASN B 698 -13.63 -28.15 -25.00
N TRP B 699 -13.37 -28.58 -26.23
CA TRP B 699 -12.85 -27.65 -27.23
C TRP B 699 -13.87 -26.59 -27.59
N SER B 700 -15.16 -26.94 -27.57
CA SER B 700 -16.19 -25.93 -27.77
C SER B 700 -16.14 -24.87 -26.68
N LEU B 701 -16.00 -25.29 -25.42
CA LEU B 701 -15.86 -24.33 -24.33
C LEU B 701 -14.59 -23.52 -24.46
N ALA B 702 -13.50 -24.14 -24.90
CA ALA B 702 -12.25 -23.42 -25.10
C ALA B 702 -12.41 -22.34 -26.17
N ALA B 703 -13.06 -22.67 -27.28
CA ALA B 703 -13.32 -21.68 -28.32
C ALA B 703 -14.24 -20.58 -27.81
N TYR B 704 -15.24 -20.95 -27.03
CA TYR B 704 -16.10 -19.95 -26.40
C TYR B 704 -15.29 -18.97 -25.57
N GLY B 705 -14.39 -19.48 -24.73
CA GLY B 705 -13.56 -18.60 -23.93
C GLY B 705 -12.60 -17.78 -24.76
N LEU B 706 -12.12 -18.34 -25.87
CA LEU B 706 -11.10 -17.67 -26.66
C LEU B 706 -11.68 -16.56 -27.53
N ILE B 707 -12.92 -16.72 -28.00
CA ILE B 707 -13.44 -15.83 -29.05
C ILE B 707 -13.78 -14.46 -28.47
N MET B 708 -14.75 -14.41 -27.54
CA MET B 708 -15.20 -13.10 -27.07
C MET B 708 -14.39 -12.63 -25.87
N ARG B 709 -14.02 -13.55 -24.98
CA ARG B 709 -13.28 -13.24 -23.77
C ARG B 709 -13.98 -12.17 -22.93
N PRO B 710 -15.20 -12.43 -22.45
CA PRO B 710 -15.93 -11.40 -21.72
C PRO B 710 -15.51 -11.29 -20.26
N ASN B 711 -14.95 -12.36 -19.71
CA ASN B 711 -14.55 -12.40 -18.32
C ASN B 711 -13.08 -12.81 -18.21
N ASP B 712 -12.58 -12.78 -16.97
CA ASP B 712 -11.18 -13.09 -16.71
C ASP B 712 -10.96 -14.59 -16.70
N PHE B 713 -9.67 -14.98 -16.77
CA PHE B 713 -9.31 -16.38 -16.69
C PHE B 713 -9.70 -17.00 -15.35
N ALA B 714 -9.84 -16.18 -14.31
CA ALA B 714 -10.18 -16.70 -12.99
C ALA B 714 -11.57 -17.32 -12.99
N SER B 715 -12.55 -16.64 -13.60
CA SER B 715 -13.89 -17.22 -13.69
C SER B 715 -13.91 -18.40 -14.65
N TYR B 716 -13.18 -18.30 -15.76
CA TYR B 716 -13.18 -19.37 -16.75
C TYR B 716 -12.59 -20.65 -16.19
N LEU B 717 -11.53 -20.56 -15.38
CA LEU B 717 -10.90 -21.75 -14.84
C LEU B 717 -11.85 -22.52 -13.93
N LEU B 718 -12.52 -21.80 -13.02
CA LEU B 718 -13.49 -22.47 -12.16
C LEU B 718 -14.65 -23.02 -12.99
N ALA B 719 -15.07 -22.29 -14.03
CA ALA B 719 -16.14 -22.77 -14.88
C ALA B 719 -15.79 -24.10 -15.53
N ILE B 720 -14.61 -24.19 -16.16
CA ILE B 720 -14.24 -25.44 -16.82
C ILE B 720 -14.05 -26.55 -15.78
N GLY B 721 -13.54 -26.19 -14.60
CA GLY B 721 -13.39 -27.18 -13.55
C GLY B 721 -14.71 -27.80 -13.12
N ILE B 722 -15.71 -26.98 -12.84
CA ILE B 722 -16.99 -27.52 -12.38
C ILE B 722 -17.70 -28.24 -13.54
N CYS B 723 -17.58 -27.71 -14.76
CA CYS B 723 -18.21 -28.38 -15.89
C CYS B 723 -17.60 -29.76 -16.11
N ASN B 724 -16.27 -29.87 -16.00
CA ASN B 724 -15.62 -31.18 -16.14
C ASN B 724 -15.96 -32.09 -14.97
N LEU B 725 -16.14 -31.53 -13.77
CA LEU B 725 -16.54 -32.35 -12.63
C LEU B 725 -17.91 -32.97 -12.86
N LEU B 726 -18.91 -32.14 -13.20
CA LEU B 726 -20.23 -32.70 -13.52
C LEU B 726 -20.16 -33.63 -14.72
N LEU B 727 -19.25 -33.35 -15.65
CA LEU B 727 -19.13 -34.15 -16.86
C LEU B 727 -18.64 -35.56 -16.50
N TYR B 728 -17.61 -35.65 -15.65
CA TYR B 728 -17.16 -36.97 -15.18
C TYR B 728 -18.20 -37.64 -14.30
N PHE B 729 -18.89 -36.86 -13.47
CA PHE B 729 -19.99 -37.42 -12.67
C PHE B 729 -21.02 -38.09 -13.56
N ALA B 730 -21.40 -37.42 -14.65
CA ALA B 730 -22.35 -37.99 -15.60
C ALA B 730 -21.77 -39.20 -16.32
N PHE B 731 -20.47 -39.17 -16.66
CA PHE B 731 -19.88 -40.31 -17.33
C PHE B 731 -19.92 -41.56 -16.45
N TYR B 732 -19.66 -41.40 -15.15
CA TYR B 732 -19.74 -42.55 -14.27
C TYR B 732 -21.16 -43.10 -14.20
N ILE B 733 -22.16 -42.21 -14.16
CA ILE B 733 -23.55 -42.65 -14.18
C ILE B 733 -23.86 -43.39 -15.46
N ILE B 734 -23.37 -42.90 -16.60
CA ILE B 734 -23.64 -43.56 -17.88
C ILE B 734 -23.00 -44.94 -17.91
N MET B 735 -21.77 -45.04 -17.41
CA MET B 735 -21.11 -46.35 -17.30
C MET B 735 -21.92 -47.29 -16.43
N LYS B 736 -22.53 -46.77 -15.36
CA LYS B 736 -23.41 -47.58 -14.54
C LYS B 736 -24.65 -48.02 -15.31
N LEU B 737 -25.25 -47.12 -16.09
CA LEU B 737 -26.44 -47.47 -16.87
C LEU B 737 -26.14 -48.55 -17.89
N ARG B 738 -24.96 -48.48 -18.53
CA ARG B 738 -24.61 -49.50 -19.51
C ARG B 738 -24.47 -50.87 -18.86
N SER B 739 -24.23 -50.90 -17.55
CA SER B 739 -24.26 -52.13 -16.77
C SER B 739 -25.64 -52.35 -16.17
N GLY B 740 -25.84 -53.53 -15.59
CA GLY B 740 -27.12 -53.85 -14.97
C GLY B 740 -27.33 -53.25 -13.59
N GLU B 741 -26.32 -52.56 -13.05
CA GLU B 741 -26.43 -51.99 -11.71
C GLU B 741 -27.46 -50.87 -11.70
N ARG B 742 -28.42 -50.96 -10.78
CA ARG B 742 -29.50 -49.99 -10.66
C ARG B 742 -29.15 -49.00 -9.56
N ILE B 743 -29.20 -47.71 -9.89
CA ILE B 743 -28.91 -46.66 -8.93
C ILE B 743 -30.03 -46.61 -7.90
N LYS B 744 -29.66 -46.59 -6.62
CA LYS B 744 -30.66 -46.47 -5.57
C LYS B 744 -31.30 -45.08 -5.62
N LEU B 745 -32.44 -44.96 -4.92
CA LEU B 745 -33.18 -43.70 -4.94
C LEU B 745 -32.38 -42.56 -4.34
N ILE B 746 -31.71 -42.81 -3.22
CA ILE B 746 -30.96 -41.74 -2.55
C ILE B 746 -29.84 -41.19 -3.40
N PRO B 747 -28.95 -41.99 -3.99
CA PRO B 747 -27.93 -41.40 -4.88
C PRO B 747 -28.50 -40.69 -6.08
N LEU B 748 -29.62 -41.16 -6.64
CA LEU B 748 -30.24 -40.48 -7.77
C LEU B 748 -30.74 -39.10 -7.37
N LEU B 749 -31.44 -39.02 -6.25
CA LEU B 749 -31.86 -37.72 -5.74
C LEU B 749 -30.66 -36.84 -5.45
N CYS B 750 -29.56 -37.44 -4.96
CA CYS B 750 -28.38 -36.66 -4.63
C CYS B 750 -27.75 -36.06 -5.88
N ILE B 751 -27.60 -36.84 -6.95
CA ILE B 751 -26.99 -36.29 -8.16
C ILE B 751 -27.88 -35.22 -8.76
N VAL B 752 -29.20 -35.46 -8.78
CA VAL B 752 -30.11 -34.47 -9.35
C VAL B 752 -30.04 -33.17 -8.56
N CYS B 753 -30.10 -33.27 -7.23
CA CYS B 753 -30.07 -32.07 -6.39
C CYS B 753 -28.75 -31.34 -6.52
N THR B 754 -27.63 -32.07 -6.53
CA THR B 754 -26.33 -31.44 -6.67
C THR B 754 -26.23 -30.71 -8.00
N SER B 755 -26.70 -31.33 -9.08
CA SER B 755 -26.63 -30.69 -10.39
C SER B 755 -27.48 -29.44 -10.45
N VAL B 756 -28.71 -29.50 -9.95
CA VAL B 756 -29.57 -28.32 -10.03
C VAL B 756 -29.02 -27.20 -9.16
N VAL B 757 -28.46 -27.53 -8.00
CA VAL B 757 -27.87 -26.51 -7.14
C VAL B 757 -26.64 -25.88 -7.81
N TRP B 758 -25.77 -26.71 -8.38
CA TRP B 758 -24.62 -26.19 -9.09
C TRP B 758 -25.02 -25.30 -10.26
N GLY B 759 -26.17 -25.55 -10.86
CA GLY B 759 -26.69 -24.64 -11.88
C GLY B 759 -26.76 -23.21 -11.41
N PHE B 760 -27.57 -22.95 -10.37
CA PHE B 760 -27.68 -21.59 -9.86
C PHE B 760 -26.37 -21.11 -9.25
N ALA B 761 -25.56 -22.02 -8.72
CA ALA B 761 -24.27 -21.61 -8.17
C ALA B 761 -23.40 -20.98 -9.25
N LEU B 762 -23.28 -21.65 -10.40
CA LEU B 762 -22.54 -21.08 -11.52
C LEU B 762 -23.22 -19.82 -12.04
N PHE B 763 -24.55 -19.81 -12.04
CA PHE B 763 -25.28 -18.61 -12.47
C PHE B 763 -24.87 -17.39 -11.65
N PHE B 764 -24.84 -17.55 -10.32
CA PHE B 764 -24.49 -16.43 -9.46
C PHE B 764 -23.00 -16.13 -9.50
N PHE B 765 -22.18 -17.14 -9.76
CA PHE B 765 -20.73 -16.90 -9.85
C PHE B 765 -20.39 -16.09 -11.09
N PHE B 766 -21.10 -16.31 -12.19
CA PHE B 766 -20.82 -15.59 -13.44
C PHE B 766 -21.25 -14.13 -13.41
N GLN B 767 -21.75 -13.63 -12.29
CA GLN B 767 -22.20 -12.24 -12.24
C GLN B 767 -21.02 -11.28 -12.24
N GLY B 768 -20.01 -11.55 -11.43
CA GLY B 768 -18.85 -10.67 -11.35
C GLY B 768 -19.18 -9.33 -10.72
N LEU B 769 -19.49 -9.34 -9.41
CA LEU B 769 -19.82 -8.10 -8.72
C LEU B 769 -18.64 -7.14 -8.68
N SER B 770 -17.44 -7.66 -8.41
CA SER B 770 -16.23 -6.87 -8.37
C SER B 770 -15.13 -7.58 -9.14
N THR B 771 -14.49 -6.86 -10.05
CA THR B 771 -13.39 -7.41 -10.84
C THR B 771 -12.13 -6.64 -10.50
N TRP B 772 -11.04 -7.37 -10.28
CA TRP B 772 -9.77 -6.79 -9.86
C TRP B 772 -8.79 -6.64 -11.02
N GLN B 773 -9.19 -6.99 -12.24
CA GLN B 773 -8.30 -6.86 -13.39
C GLN B 773 -7.99 -5.40 -13.68
N LYS B 774 -8.98 -4.53 -13.55
CA LYS B 774 -8.86 -3.13 -13.91
C LYS B 774 -8.64 -2.28 -12.66
N THR B 775 -8.63 -0.97 -12.84
CA THR B 775 -8.45 -0.06 -11.71
C THR B 775 -9.67 -0.11 -10.79
N PRO B 776 -9.50 0.19 -9.50
CA PRO B 776 -10.65 0.14 -8.58
C PRO B 776 -11.79 1.06 -8.99
N ALA B 777 -11.49 2.20 -9.59
CA ALA B 777 -12.55 3.09 -10.06
C ALA B 777 -13.44 2.40 -11.08
N GLU B 778 -12.84 1.64 -12.00
CA GLU B 778 -13.63 0.81 -12.90
C GLU B 778 -14.29 -0.35 -12.16
N SER B 779 -13.59 -0.96 -11.21
CA SER B 779 -14.17 -2.08 -10.48
C SER B 779 -15.44 -1.67 -9.74
N ARG B 780 -15.60 -0.37 -9.48
CA ARG B 780 -16.80 0.10 -8.79
C ARG B 780 -18.02 0.15 -9.70
N GLU B 781 -17.88 0.01 -11.01
CA GLU B 781 -19.04 0.13 -11.88
C GLU B 781 -19.99 -1.05 -11.70
N HIS B 782 -19.47 -2.23 -11.41
CA HIS B 782 -20.27 -3.44 -11.38
C HIS B 782 -20.82 -3.76 -10.00
N ASN B 783 -20.82 -2.79 -9.09
CA ASN B 783 -21.43 -3.01 -7.78
C ASN B 783 -22.95 -3.07 -7.90
N ARG B 784 -23.57 -3.99 -7.17
CA ARG B 784 -25.01 -4.10 -7.09
C ARG B 784 -25.45 -4.18 -5.63
N ASP B 785 -26.67 -3.73 -5.36
CA ASP B 785 -27.16 -3.64 -4.00
C ASP B 785 -27.40 -5.03 -3.42
N CYS B 786 -27.82 -5.05 -2.15
CA CYS B 786 -28.14 -6.30 -1.48
C CYS B 786 -29.41 -6.90 -2.08
N ILE B 787 -29.39 -8.21 -2.29
CA ILE B 787 -30.47 -8.91 -2.94
C ILE B 787 -31.33 -9.70 -1.96
N LEU B 788 -30.70 -10.39 -1.00
CA LEU B 788 -31.40 -11.28 -0.09
C LEU B 788 -31.41 -10.67 1.30
N LEU B 789 -32.60 -10.47 1.85
CA LEU B 789 -32.81 -9.95 3.20
C LEU B 789 -32.10 -8.63 3.45
N ASP B 790 -31.81 -7.87 2.38
CA ASP B 790 -31.12 -6.59 2.45
C ASP B 790 -29.76 -6.70 3.11
N PHE B 791 -29.15 -7.89 3.08
CA PHE B 791 -27.87 -8.09 3.74
C PHE B 791 -26.85 -8.79 2.85
N PHE B 792 -27.31 -9.64 1.94
CA PHE B 792 -26.42 -10.46 1.13
C PHE B 792 -26.54 -10.09 -0.34
N ASP B 793 -25.41 -9.92 -1.00
CA ASP B 793 -25.36 -9.68 -2.44
C ASP B 793 -25.13 -11.01 -3.16
N ASP B 794 -24.84 -10.93 -4.46
CA ASP B 794 -24.77 -12.13 -5.29
C ASP B 794 -23.61 -13.03 -4.88
N HIS B 795 -22.48 -12.44 -4.48
CA HIS B 795 -21.33 -13.27 -4.14
C HIS B 795 -21.57 -14.07 -2.87
N ASP B 796 -22.33 -13.52 -1.92
CA ASP B 796 -22.71 -14.29 -0.74
C ASP B 796 -23.62 -15.44 -1.12
N ILE B 797 -24.50 -15.23 -2.10
CA ILE B 797 -25.33 -16.32 -2.61
C ILE B 797 -24.47 -17.36 -3.28
N TRP B 798 -23.39 -16.93 -3.97
CA TRP B 798 -22.44 -17.88 -4.53
C TRP B 798 -21.79 -18.71 -3.44
N HIS B 799 -21.39 -18.08 -2.33
CA HIS B 799 -20.84 -18.84 -1.21
C HIS B 799 -21.85 -19.83 -0.65
N PHE B 800 -23.07 -19.36 -0.40
CA PHE B 800 -24.11 -20.21 0.17
C PHE B 800 -24.39 -21.42 -0.70
N LEU B 801 -24.54 -21.22 -2.01
CA LEU B 801 -24.85 -22.32 -2.92
C LEU B 801 -23.64 -23.19 -3.25
N SER B 802 -22.43 -22.62 -3.26
CA SER B 802 -21.23 -23.45 -3.43
C SER B 802 -21.05 -24.41 -2.27
N SER B 803 -21.34 -23.97 -1.05
CA SER B 803 -21.25 -24.87 0.10
C SER B 803 -22.20 -26.05 -0.06
N ILE B 804 -23.46 -25.78 -0.42
CA ILE B 804 -24.43 -26.85 -0.63
C ILE B 804 -24.01 -27.74 -1.79
N ALA B 805 -23.46 -27.14 -2.86
CA ALA B 805 -23.07 -27.91 -4.02
C ALA B 805 -21.95 -28.88 -3.70
N MET B 806 -20.93 -28.43 -2.96
CA MET B 806 -19.90 -29.36 -2.52
C MET B 806 -20.42 -30.41 -1.55
N PHE B 807 -21.35 -30.05 -0.66
CA PHE B 807 -21.91 -31.06 0.23
C PHE B 807 -22.63 -32.13 -0.56
N GLY B 808 -23.44 -31.74 -1.53
CA GLY B 808 -24.13 -32.70 -2.37
C GLY B 808 -23.18 -33.52 -3.23
N SER B 809 -22.14 -32.89 -3.76
CA SER B 809 -21.15 -33.63 -4.56
C SER B 809 -20.45 -34.68 -3.72
N PHE B 810 -20.13 -34.33 -2.47
CA PHE B 810 -19.48 -35.29 -1.59
C PHE B 810 -20.42 -36.42 -1.22
N LEU B 811 -21.67 -36.09 -0.88
CA LEU B 811 -22.66 -37.12 -0.56
C LEU B 811 -22.96 -38.02 -1.75
N VAL B 812 -22.78 -37.51 -2.98
CA VAL B 812 -22.90 -38.35 -4.16
C VAL B 812 -21.82 -39.41 -4.16
N LEU B 813 -20.58 -39.01 -3.84
CA LEU B 813 -19.48 -39.95 -3.78
C LEU B 813 -19.67 -40.97 -2.66
N LEU B 814 -20.12 -40.51 -1.49
CA LEU B 814 -20.24 -41.40 -0.34
C LEU B 814 -21.30 -42.48 -0.57
N THR B 815 -22.44 -42.12 -1.16
CA THR B 815 -23.55 -43.05 -1.32
C THR B 815 -23.56 -43.71 -2.70
N LEU B 816 -22.53 -43.50 -3.49
CA LEU B 816 -22.44 -44.11 -4.81
C LEU B 816 -22.26 -45.61 -4.70
#